data_4U4W
#
_entry.id   4U4W
#
_cell.length_a   68.780
_cell.length_b   86.100
_cell.length_c   221.550
_cell.angle_alpha   90.00
_cell.angle_beta   90.00
_cell.angle_gamma   90.00
#
_symmetry.space_group_name_H-M   'P 21 21 21'
#
loop_
_entity.id
_entity.type
_entity.pdbx_description
1 polymer 'Nitrate/nitrite transporter NarK'
2 non-polymer 'NITRATE ION'
3 non-polymer 'OLEIC ACID'
4 non-polymer '(2R)-2,3-dihydroxypropyl (9Z)-octadec-9-enoate'
5 water water
#
_entity_poly.entity_id   1
_entity_poly.type   'polypeptide(L)'
_entity_poly.pdbx_seq_one_letter_code
;MSHSSAPERATGAVITDWRPEDPAFWQQRGQRIASRNLWISVPCLLLAFCVWMLFSAVAVNLPKVGFNFTTDQLFMLTAL
PSVSGALLRVPYSFMVPIFGGRRWTAFSTGILIIPCVWLGFAVQDTSTPYSVFIIISLLCGFAGANFASSMANISFFFPK
QKQGGALGLNGGLGNMGVSVMQLVAPLVVSLSIFAVFGSQGVKQPDGTELYLANASWIWVPFLAIFTIAAWFGMNDLATS
KASIKEQLPVLKRGHLWIMSLLYLATFGSFIGFSAGFAMLSKTQFPDVQILQYAFFGPFIGALARSAGGALSDRLGGTRV
TLVNFILMAIFSGLLFLTLPTDGQGGSFMAFFAVFLALFLTAGLGSGSTFQMISVIFRKLTMDRVKAEGGSDERAMREAA
TDTAAALGFISAIGAIGGFFIPKAFGSSLALTGSPVGAMKVFLIFYIACVVITWAVYGRHSKKLESSGENLYFQG
;
_entity_poly.pdbx_strand_id   A,B
#
loop_
_chem_comp.id
_chem_comp.type
_chem_comp.name
_chem_comp.formula
NO3 non-polymer 'NITRATE ION' 'N O3 -1'
OLA non-polymer 'OLEIC ACID' 'C18 H34 O2'
OLC non-polymer '(2R)-2,3-dihydroxypropyl (9Z)-octadec-9-enoate' 'C21 H40 O4'
#
# COMPACT_ATOMS: atom_id res chain seq x y z
N THR A 11 -27.76 13.66 -11.88
CA THR A 11 -26.92 12.80 -12.71
C THR A 11 -25.43 12.97 -12.38
N GLY A 12 -25.14 13.43 -11.16
CA GLY A 12 -23.78 13.64 -10.73
C GLY A 12 -23.00 12.34 -10.59
N ALA A 13 -21.70 12.46 -10.28
CA ALA A 13 -20.84 11.30 -10.11
C ALA A 13 -21.33 10.39 -8.99
N VAL A 14 -21.59 10.98 -7.82
CA VAL A 14 -22.10 10.22 -6.69
C VAL A 14 -23.61 9.99 -6.82
N ILE A 15 -24.03 8.72 -6.79
CA ILE A 15 -25.44 8.38 -6.91
C ILE A 15 -26.04 8.08 -5.55
N THR A 16 -26.98 8.91 -5.13
CA THR A 16 -27.65 8.73 -3.85
C THR A 16 -28.98 8.00 -4.01
N ASP A 17 -29.50 8.00 -5.23
CA ASP A 17 -30.75 7.30 -5.54
C ASP A 17 -30.48 6.05 -6.37
N TRP A 18 -30.27 4.92 -5.71
CA TRP A 18 -30.02 3.66 -6.39
C TRP A 18 -31.01 2.61 -5.93
N ARG A 19 -32.00 2.31 -6.78
CA ARG A 19 -33.07 1.40 -6.43
C ARG A 19 -33.27 0.30 -7.46
N PRO A 20 -32.35 -0.69 -7.48
CA PRO A 20 -32.46 -1.81 -8.42
C PRO A 20 -33.62 -2.74 -8.10
N GLU A 21 -34.20 -2.59 -6.90
CA GLU A 21 -35.37 -3.37 -6.53
C GLU A 21 -36.64 -2.77 -7.12
N ASP A 22 -36.48 -1.65 -7.83
CA ASP A 22 -37.59 -1.00 -8.50
C ASP A 22 -37.48 -1.19 -10.02
N PRO A 23 -38.43 -1.92 -10.60
CA PRO A 23 -38.45 -2.21 -12.04
C PRO A 23 -38.49 -0.94 -12.88
N ALA A 24 -39.17 0.08 -12.38
CA ALA A 24 -39.31 1.34 -13.09
C ALA A 24 -37.99 2.11 -13.12
N PHE A 25 -37.29 2.10 -11.98
CA PHE A 25 -36.00 2.78 -11.85
C PHE A 25 -34.98 2.25 -12.84
N TRP A 26 -34.99 0.93 -13.05
CA TRP A 26 -33.98 0.30 -13.88
C TRP A 26 -34.18 0.63 -15.36
N GLN A 27 -35.44 0.60 -15.79
CA GLN A 27 -35.76 0.93 -17.18
C GLN A 27 -35.52 2.40 -17.48
N GLN A 28 -35.63 3.23 -16.44
CA GLN A 28 -35.52 4.67 -16.60
C GLN A 28 -34.09 5.18 -16.38
N ARG A 29 -33.45 4.68 -15.32
CA ARG A 29 -32.13 5.17 -14.95
C ARG A 29 -31.10 4.06 -14.77
N GLY A 30 -31.51 2.98 -14.12
CA GLY A 30 -30.60 1.92 -13.73
C GLY A 30 -29.76 1.29 -14.82
N GLN A 31 -30.39 0.88 -15.92
CA GLN A 31 -29.70 0.17 -16.99
C GLN A 31 -28.64 1.03 -17.67
N ARG A 32 -28.99 2.29 -17.93
CA ARG A 32 -28.07 3.22 -18.60
C ARG A 32 -26.85 3.52 -17.74
N ILE A 33 -27.05 3.61 -16.44
CA ILE A 33 -25.97 3.86 -15.51
C ILE A 33 -25.02 2.67 -15.42
N ALA A 34 -25.59 1.50 -15.15
CA ALA A 34 -24.81 0.27 -15.01
C ALA A 34 -24.06 -0.08 -16.30
N SER A 35 -24.66 0.25 -17.44
CA SER A 35 -24.04 -0.03 -18.73
C SER A 35 -22.82 0.87 -18.97
N ARG A 36 -22.93 2.12 -18.55
CA ARG A 36 -21.85 3.09 -18.74
C ARG A 36 -20.64 2.71 -17.90
N ASN A 37 -20.89 2.25 -16.67
CA ASN A 37 -19.82 1.86 -15.77
C ASN A 37 -19.09 0.62 -16.23
N LEU A 38 -19.84 -0.32 -16.81
CA LEU A 38 -19.27 -1.58 -17.27
C LEU A 38 -18.29 -1.37 -18.43
N TRP A 39 -18.62 -0.45 -19.34
CA TRP A 39 -17.81 -0.25 -20.53
C TRP A 39 -16.68 0.75 -20.32
N ILE A 40 -16.51 1.19 -19.07
CA ILE A 40 -15.32 1.92 -18.68
C ILE A 40 -14.49 1.02 -17.76
N SER A 41 -15.19 0.13 -17.06
CA SER A 41 -14.54 -0.84 -16.21
C SER A 41 -13.74 -1.86 -17.01
N VAL A 42 -14.30 -2.27 -18.15
CA VAL A 42 -13.66 -3.27 -19.01
C VAL A 42 -12.30 -2.80 -19.56
N PRO A 43 -12.24 -1.60 -20.17
CA PRO A 43 -10.91 -1.21 -20.66
C PRO A 43 -9.91 -0.92 -19.53
N CYS A 44 -10.41 -0.46 -18.39
CA CYS A 44 -9.55 -0.20 -17.25
C CYS A 44 -8.98 -1.50 -16.69
N LEU A 45 -9.80 -2.54 -16.68
CA LEU A 45 -9.34 -3.84 -16.20
C LEU A 45 -8.44 -4.51 -17.22
N LEU A 46 -8.72 -4.28 -18.50
CA LEU A 46 -7.91 -4.82 -19.59
C LEU A 46 -6.49 -4.25 -19.53
N LEU A 47 -6.40 -2.96 -19.28
CA LEU A 47 -5.10 -2.29 -19.16
C LEU A 47 -4.34 -2.79 -17.94
N ALA A 48 -5.07 -3.21 -16.91
CA ALA A 48 -4.46 -3.74 -15.71
C ALA A 48 -3.77 -5.07 -15.98
N PHE A 49 -4.42 -5.92 -16.79
CA PHE A 49 -3.84 -7.20 -17.16
C PHE A 49 -2.64 -7.01 -18.09
N CYS A 50 -2.59 -5.87 -18.78
CA CYS A 50 -1.43 -5.53 -19.60
C CYS A 50 -0.23 -5.25 -18.71
N VAL A 51 -0.44 -4.40 -17.70
CA VAL A 51 0.61 -4.01 -16.77
C VAL A 51 1.05 -5.19 -15.89
N TRP A 52 0.07 -6.01 -15.49
CA TRP A 52 0.32 -7.13 -14.59
C TRP A 52 1.32 -8.13 -15.18
N MET A 53 1.14 -8.47 -16.44
CA MET A 53 1.97 -9.51 -17.07
C MET A 53 3.05 -8.93 -17.97
N LEU A 54 3.41 -7.66 -17.75
CA LEU A 54 4.40 -6.97 -18.56
C LEU A 54 5.72 -7.72 -18.68
N PHE A 55 6.20 -8.26 -17.57
CA PHE A 55 7.51 -8.92 -17.55
C PHE A 55 7.53 -10.25 -18.31
N SER A 56 6.35 -10.73 -18.70
CA SER A 56 6.27 -11.95 -19.51
C SER A 56 6.88 -11.70 -20.89
N ALA A 57 6.88 -10.44 -21.32
CA ALA A 57 7.43 -10.08 -22.61
C ALA A 57 8.74 -9.31 -22.46
N VAL A 58 8.84 -8.50 -21.41
CA VAL A 58 10.00 -7.66 -21.19
C VAL A 58 11.24 -8.47 -20.83
N ALA A 59 11.08 -9.44 -19.93
CA ALA A 59 12.20 -10.25 -19.45
C ALA A 59 12.89 -11.02 -20.58
N VAL A 60 12.14 -11.35 -21.62
CA VAL A 60 12.68 -12.06 -22.78
C VAL A 60 13.63 -11.15 -23.57
N ASN A 61 13.32 -9.86 -23.60
CA ASN A 61 14.09 -8.89 -24.37
C ASN A 61 15.21 -8.25 -23.55
N LEU A 62 15.29 -8.57 -22.27
CA LEU A 62 16.33 -8.01 -21.40
C LEU A 62 17.75 -8.42 -21.81
N PRO A 63 17.97 -9.69 -22.19
CA PRO A 63 19.34 -9.97 -22.65
C PRO A 63 19.67 -9.30 -23.98
N LYS A 64 18.65 -8.97 -24.77
CA LYS A 64 18.86 -8.34 -26.08
C LYS A 64 19.35 -6.91 -25.98
N VAL A 65 19.19 -6.30 -24.80
CA VAL A 65 19.59 -4.91 -24.61
C VAL A 65 20.75 -4.74 -23.63
N GLY A 66 21.42 -5.83 -23.30
CA GLY A 66 22.64 -5.75 -22.52
C GLY A 66 22.63 -6.38 -21.14
N PHE A 67 21.44 -6.65 -20.60
CA PHE A 67 21.34 -7.22 -19.26
C PHE A 67 21.79 -8.68 -19.23
N ASN A 68 22.49 -9.06 -18.17
CA ASN A 68 23.00 -10.42 -18.04
C ASN A 68 22.49 -11.14 -16.81
N PHE A 69 21.18 -11.15 -16.62
CA PHE A 69 20.57 -11.87 -15.52
C PHE A 69 20.49 -13.36 -15.85
N THR A 70 20.52 -14.21 -14.83
CA THR A 70 20.42 -15.65 -15.03
C THR A 70 19.02 -16.01 -15.50
N THR A 71 18.88 -17.22 -16.03
CA THR A 71 17.59 -17.71 -16.52
C THR A 71 16.56 -17.74 -15.40
N ASP A 72 17.00 -18.15 -14.21
CA ASP A 72 16.13 -18.21 -13.06
C ASP A 72 15.73 -16.81 -12.60
N GLN A 73 16.64 -15.86 -12.73
CA GLN A 73 16.35 -14.47 -12.37
C GLN A 73 15.30 -13.88 -13.30
N LEU A 74 15.37 -14.23 -14.58
CA LEU A 74 14.41 -13.76 -15.56
C LEU A 74 13.03 -14.36 -15.31
N PHE A 75 13.01 -15.64 -14.93
CA PHE A 75 11.76 -16.32 -14.60
C PHE A 75 11.15 -15.72 -13.34
N MET A 76 11.99 -15.35 -12.39
CA MET A 76 11.53 -14.73 -11.14
C MET A 76 10.82 -13.40 -11.39
N LEU A 77 11.31 -12.66 -12.38
CA LEU A 77 10.73 -11.36 -12.71
C LEU A 77 9.32 -11.50 -13.29
N THR A 78 9.03 -12.66 -13.87
CA THR A 78 7.72 -12.91 -14.45
C THR A 78 6.76 -13.49 -13.42
N ALA A 79 7.31 -14.02 -12.34
CA ALA A 79 6.53 -14.74 -11.34
C ALA A 79 6.16 -13.86 -10.14
N LEU A 80 7.01 -12.89 -9.85
CA LEU A 80 6.81 -12.00 -8.69
C LEU A 80 5.55 -11.11 -8.72
N PRO A 81 5.13 -10.61 -9.90
CA PRO A 81 3.92 -9.78 -9.83
C PRO A 81 2.67 -10.54 -9.38
N SER A 82 2.70 -11.87 -9.45
CA SER A 82 1.58 -12.67 -8.99
C SER A 82 1.64 -12.86 -7.48
N VAL A 83 2.78 -12.52 -6.87
CA VAL A 83 2.93 -12.58 -5.42
C VAL A 83 2.25 -11.37 -4.78
N SER A 84 2.60 -10.18 -5.24
CA SER A 84 2.01 -8.95 -4.73
C SER A 84 0.56 -8.81 -5.19
N GLY A 85 0.25 -9.44 -6.32
CA GLY A 85 -1.10 -9.44 -6.85
C GLY A 85 -2.03 -10.27 -5.98
N ALA A 86 -1.55 -11.44 -5.56
CA ALA A 86 -2.34 -12.32 -4.70
C ALA A 86 -2.53 -11.73 -3.31
N LEU A 87 -1.51 -11.05 -2.81
CA LEU A 87 -1.54 -10.47 -1.47
C LEU A 87 -2.49 -9.27 -1.39
N LEU A 88 -2.74 -8.63 -2.54
CA LEU A 88 -3.49 -7.38 -2.56
C LEU A 88 -4.94 -7.55 -3.03
N ARG A 89 -5.29 -8.74 -3.50
CA ARG A 89 -6.63 -8.96 -4.03
C ARG A 89 -7.71 -8.96 -2.94
N VAL A 90 -7.44 -9.59 -1.80
CA VAL A 90 -8.38 -9.53 -0.68
C VAL A 90 -8.54 -8.09 -0.16
N PRO A 91 -7.42 -7.35 0.04
CA PRO A 91 -7.62 -5.93 0.42
C PRO A 91 -8.35 -5.10 -0.64
N TYR A 92 -8.06 -5.34 -1.92
CA TYR A 92 -8.69 -4.59 -3.00
C TYR A 92 -10.19 -4.85 -3.08
N SER A 93 -10.60 -6.03 -2.65
CA SER A 93 -12.02 -6.39 -2.70
C SER A 93 -12.84 -5.60 -1.69
N PHE A 94 -12.17 -4.97 -0.73
CA PHE A 94 -12.86 -4.17 0.27
C PHE A 94 -12.76 -2.67 0.00
N MET A 95 -12.08 -2.30 -1.08
CA MET A 95 -11.78 -0.90 -1.34
C MET A 95 -12.92 -0.14 -2.00
N VAL A 96 -13.64 -0.79 -2.90
CA VAL A 96 -14.78 -0.16 -3.58
C VAL A 96 -15.88 0.30 -2.60
N PRO A 97 -16.27 -0.55 -1.63
CA PRO A 97 -17.27 -0.05 -0.69
C PRO A 97 -16.80 1.13 0.15
N ILE A 98 -15.49 1.29 0.31
CA ILE A 98 -14.94 2.37 1.12
C ILE A 98 -14.81 3.67 0.32
N PHE A 99 -14.21 3.59 -0.86
CA PHE A 99 -13.89 4.80 -1.63
C PHE A 99 -14.86 5.05 -2.79
N GLY A 100 -15.60 4.03 -3.18
CA GLY A 100 -16.51 4.16 -4.29
C GLY A 100 -15.90 3.59 -5.56
N GLY A 101 -16.77 3.04 -6.43
CA GLY A 101 -16.31 2.38 -7.64
C GLY A 101 -15.55 3.31 -8.58
N ARG A 102 -16.06 4.51 -8.76
CA ARG A 102 -15.44 5.49 -9.65
C ARG A 102 -14.10 6.00 -9.10
N ARG A 103 -14.08 6.36 -7.82
CA ARG A 103 -12.87 6.92 -7.21
C ARG A 103 -11.75 5.89 -7.17
N TRP A 104 -12.09 4.66 -6.82
CA TRP A 104 -11.07 3.62 -6.71
C TRP A 104 -10.56 3.16 -8.06
N THR A 105 -11.46 3.06 -9.04
CA THR A 105 -11.06 2.68 -10.40
C THR A 105 -10.07 3.69 -10.96
N ALA A 106 -10.35 4.97 -10.74
CA ALA A 106 -9.45 6.03 -11.18
C ALA A 106 -8.11 5.95 -10.48
N PHE A 107 -8.15 5.62 -9.19
CA PHE A 107 -6.92 5.53 -8.38
C PHE A 107 -6.11 4.29 -8.74
N SER A 108 -6.77 3.14 -8.75
CA SER A 108 -6.09 1.87 -9.01
C SER A 108 -5.53 1.77 -10.42
N THR A 109 -6.08 2.55 -11.34
CA THR A 109 -5.60 2.59 -12.71
C THR A 109 -4.51 3.65 -12.89
N GLY A 110 -4.66 4.75 -12.17
CA GLY A 110 -3.74 5.87 -12.28
C GLY A 110 -2.36 5.58 -11.73
N ILE A 111 -2.29 4.85 -10.62
CA ILE A 111 -1.01 4.54 -9.99
C ILE A 111 -0.16 3.58 -10.82
N LEU A 112 -0.79 2.91 -11.78
CA LEU A 112 -0.10 1.96 -12.62
C LEU A 112 0.84 2.65 -13.62
N ILE A 113 0.72 3.97 -13.70
CA ILE A 113 1.58 4.76 -14.57
C ILE A 113 3.01 4.77 -14.03
N ILE A 114 3.13 4.76 -12.70
CA ILE A 114 4.44 4.83 -12.04
C ILE A 114 5.35 3.63 -12.38
N PRO A 115 4.83 2.38 -12.29
CA PRO A 115 5.73 1.28 -12.67
C PRO A 115 6.05 1.28 -14.18
N CYS A 116 5.10 1.74 -14.99
CA CYS A 116 5.31 1.77 -16.44
C CYS A 116 6.39 2.76 -16.84
N VAL A 117 6.36 3.94 -16.23
CA VAL A 117 7.38 4.95 -16.50
C VAL A 117 8.74 4.48 -16.00
N TRP A 118 8.75 3.88 -14.81
CA TRP A 118 9.97 3.41 -14.18
C TRP A 118 10.64 2.31 -14.99
N LEU A 119 9.85 1.33 -15.42
CA LEU A 119 10.39 0.19 -16.18
C LEU A 119 11.03 0.63 -17.49
N GLY A 120 10.49 1.69 -18.08
CA GLY A 120 11.01 2.24 -19.32
C GLY A 120 12.41 2.80 -19.15
N PHE A 121 12.65 3.44 -18.00
CA PHE A 121 13.98 4.01 -17.72
C PHE A 121 14.94 2.93 -17.23
N ALA A 122 14.41 1.90 -16.59
CA ALA A 122 15.23 0.84 -16.03
C ALA A 122 15.89 0.00 -17.12
N VAL A 123 15.13 -0.29 -18.18
CA VAL A 123 15.63 -1.15 -19.25
C VAL A 123 16.64 -0.44 -20.15
N GLN A 124 16.72 0.89 -20.03
CA GLN A 124 17.65 1.67 -20.85
C GLN A 124 18.99 1.89 -20.15
N ASP A 125 19.10 1.38 -18.92
CA ASP A 125 20.35 1.47 -18.18
C ASP A 125 20.80 0.07 -17.79
N THR A 126 21.89 -0.40 -18.40
CA THR A 126 22.39 -1.75 -18.16
C THR A 126 23.01 -1.89 -16.77
N SER A 127 23.19 -0.76 -16.09
CA SER A 127 23.74 -0.78 -14.73
C SER A 127 22.63 -0.89 -13.70
N THR A 128 21.38 -0.94 -14.17
CA THR A 128 20.24 -1.06 -13.27
C THR A 128 20.28 -2.38 -12.50
N PRO A 129 20.32 -2.30 -11.17
CA PRO A 129 20.36 -3.47 -10.29
C PRO A 129 19.18 -4.41 -10.50
N TYR A 130 19.40 -5.70 -10.29
CA TYR A 130 18.35 -6.70 -10.42
C TYR A 130 17.25 -6.48 -9.38
N SER A 131 17.64 -5.98 -8.22
CA SER A 131 16.70 -5.71 -7.14
C SER A 131 15.75 -4.57 -7.47
N VAL A 132 16.20 -3.66 -8.34
CA VAL A 132 15.33 -2.60 -8.84
C VAL A 132 14.23 -3.21 -9.70
N PHE A 133 14.62 -4.16 -10.54
CA PHE A 133 13.65 -4.88 -11.36
C PHE A 133 12.70 -5.71 -10.47
N ILE A 134 13.19 -6.13 -9.31
CA ILE A 134 12.36 -6.85 -8.35
C ILE A 134 11.24 -5.95 -7.83
N ILE A 135 11.61 -4.73 -7.46
CA ILE A 135 10.64 -3.74 -6.99
C ILE A 135 9.60 -3.43 -8.05
N ILE A 136 10.07 -3.13 -9.27
CA ILE A 136 9.19 -2.83 -10.39
C ILE A 136 8.26 -4.02 -10.66
N SER A 137 8.81 -5.22 -10.57
CA SER A 137 8.04 -6.45 -10.77
C SER A 137 6.93 -6.58 -9.74
N LEU A 138 7.23 -6.21 -8.50
CA LEU A 138 6.26 -6.26 -7.42
C LEU A 138 5.21 -5.17 -7.56
N LEU A 139 5.61 -4.05 -8.15
CA LEU A 139 4.69 -2.93 -8.36
C LEU A 139 3.71 -3.23 -9.49
N CYS A 140 4.15 -4.02 -10.46
CA CYS A 140 3.28 -4.45 -11.56
C CYS A 140 2.18 -5.37 -11.05
N GLY A 141 2.41 -5.94 -9.87
CA GLY A 141 1.43 -6.81 -9.24
C GLY A 141 0.22 -6.09 -8.72
N PHE A 142 0.36 -4.79 -8.47
CA PHE A 142 -0.76 -3.96 -8.04
C PHE A 142 -1.86 -3.96 -9.11
N ALA A 143 -1.43 -4.08 -10.36
CA ALA A 143 -2.36 -4.15 -11.49
C ALA A 143 -3.20 -5.42 -11.43
N GLY A 144 -2.60 -6.49 -10.91
CA GLY A 144 -3.28 -7.77 -10.81
C GLY A 144 -4.36 -7.78 -9.74
N ALA A 145 -4.24 -6.86 -8.79
CA ALA A 145 -5.21 -6.77 -7.71
C ALA A 145 -6.46 -6.02 -8.16
N ASN A 146 -6.35 -5.33 -9.30
CA ASN A 146 -7.46 -4.56 -9.84
C ASN A 146 -8.66 -5.43 -10.18
N PHE A 147 -8.40 -6.70 -10.44
CA PHE A 147 -9.46 -7.66 -10.73
C PHE A 147 -10.49 -7.73 -9.61
N ALA A 148 -10.01 -7.93 -8.38
CA ALA A 148 -10.88 -8.08 -7.23
C ALA A 148 -11.75 -6.85 -6.99
N SER A 149 -11.18 -5.67 -7.23
CA SER A 149 -11.91 -4.42 -7.05
C SER A 149 -12.89 -4.18 -8.19
N SER A 150 -12.45 -4.49 -9.41
CA SER A 150 -13.28 -4.31 -10.61
C SER A 150 -14.49 -5.23 -10.57
N MET A 151 -14.28 -6.47 -10.19
CA MET A 151 -15.37 -7.44 -10.10
C MET A 151 -16.33 -7.09 -8.98
N ALA A 152 -15.79 -6.60 -7.88
CA ALA A 152 -16.61 -6.17 -6.74
C ALA A 152 -17.52 -5.02 -7.15
N ASN A 153 -16.98 -4.09 -7.92
CA ASN A 153 -17.72 -2.92 -8.37
C ASN A 153 -18.88 -3.27 -9.29
N ILE A 154 -18.64 -4.19 -10.21
CA ILE A 154 -19.66 -4.60 -11.18
C ILE A 154 -20.83 -5.33 -10.50
N SER A 155 -20.51 -6.12 -9.48
CA SER A 155 -21.53 -6.89 -8.76
C SER A 155 -22.56 -5.99 -8.09
N PHE A 156 -22.15 -4.77 -7.75
CA PHE A 156 -23.08 -3.81 -7.15
C PHE A 156 -23.91 -3.09 -8.19
N PHE A 157 -23.30 -2.80 -9.34
CA PHE A 157 -24.00 -2.14 -10.44
C PHE A 157 -24.94 -3.09 -11.16
N PHE A 158 -24.65 -4.38 -11.09
CA PHE A 158 -25.55 -5.39 -11.64
C PHE A 158 -25.96 -6.39 -10.57
N PRO A 159 -26.84 -5.97 -9.65
CA PRO A 159 -27.19 -6.80 -8.48
C PRO A 159 -28.38 -7.73 -8.70
N LYS A 160 -29.16 -7.49 -9.74
CA LYS A 160 -30.37 -8.29 -9.98
C LYS A 160 -30.03 -9.72 -10.40
N GLN A 161 -30.98 -10.62 -10.22
CA GLN A 161 -30.77 -12.05 -10.48
C GLN A 161 -30.44 -12.36 -11.93
N LYS A 162 -31.12 -11.70 -12.86
CA LYS A 162 -30.93 -11.97 -14.28
C LYS A 162 -29.69 -11.27 -14.84
N GLN A 163 -29.00 -10.52 -14.00
CA GLN A 163 -27.85 -9.73 -14.45
C GLN A 163 -26.54 -10.48 -14.29
N GLY A 164 -26.63 -11.76 -13.96
CA GLY A 164 -25.46 -12.61 -13.92
C GLY A 164 -24.91 -12.78 -15.32
N GLY A 165 -23.65 -12.41 -15.51
CA GLY A 165 -23.05 -12.42 -16.84
C GLY A 165 -22.30 -11.14 -17.09
N ALA A 166 -22.71 -10.07 -16.42
CA ALA A 166 -21.99 -8.81 -16.48
C ALA A 166 -20.63 -8.97 -15.83
N LEU A 167 -20.57 -9.86 -14.84
CA LEU A 167 -19.32 -10.20 -14.16
C LEU A 167 -18.42 -11.01 -15.09
N GLY A 168 -19.00 -12.01 -15.74
CA GLY A 168 -18.26 -12.86 -16.66
C GLY A 168 -17.75 -12.08 -17.87
N LEU A 169 -18.49 -11.06 -18.27
CA LEU A 169 -18.09 -10.20 -19.37
C LEU A 169 -16.94 -9.28 -18.96
N ASN A 170 -17.05 -8.72 -17.76
CA ASN A 170 -16.03 -7.81 -17.24
C ASN A 170 -14.72 -8.54 -16.95
N GLY A 171 -14.82 -9.73 -16.37
CA GLY A 171 -13.65 -10.52 -16.06
C GLY A 171 -13.10 -11.23 -17.28
N GLY A 172 -13.97 -11.57 -18.22
CA GLY A 172 -13.57 -12.24 -19.44
C GLY A 172 -12.80 -11.33 -20.38
N LEU A 173 -13.32 -10.12 -20.57
CA LEU A 173 -12.66 -9.14 -21.42
C LEU A 173 -11.44 -8.55 -20.73
N GLY A 174 -11.43 -8.64 -19.40
CA GLY A 174 -10.29 -8.20 -18.62
C GLY A 174 -9.09 -9.08 -18.85
N ASN A 175 -9.32 -10.39 -18.89
CA ASN A 175 -8.27 -11.37 -19.13
C ASN A 175 -7.65 -11.24 -20.52
N MET A 176 -8.35 -10.56 -21.42
CA MET A 176 -7.85 -10.33 -22.78
C MET A 176 -6.61 -9.44 -22.78
N GLY A 177 -6.44 -8.68 -21.72
CA GLY A 177 -5.32 -7.75 -21.60
C GLY A 177 -3.97 -8.42 -21.65
N VAL A 178 -3.92 -9.69 -21.26
CA VAL A 178 -2.68 -10.46 -21.32
C VAL A 178 -2.23 -10.65 -22.76
N SER A 179 -3.16 -11.08 -23.62
CA SER A 179 -2.85 -11.30 -25.02
C SER A 179 -2.63 -9.98 -25.75
N VAL A 180 -3.38 -8.95 -25.35
CA VAL A 180 -3.24 -7.62 -25.95
C VAL A 180 -1.83 -7.09 -25.75
N MET A 181 -1.32 -7.19 -24.52
CA MET A 181 0.02 -6.72 -24.20
C MET A 181 1.09 -7.57 -24.89
N GLN A 182 0.89 -8.88 -24.91
CA GLN A 182 1.86 -9.78 -25.54
C GLN A 182 1.83 -9.66 -27.07
N LEU A 183 0.85 -8.95 -27.60
CA LEU A 183 0.77 -8.70 -29.03
C LEU A 183 1.31 -7.30 -29.37
N VAL A 184 0.97 -6.33 -28.53
CA VAL A 184 1.37 -4.94 -28.75
C VAL A 184 2.85 -4.72 -28.49
N ALA A 185 3.36 -5.30 -27.40
CA ALA A 185 4.74 -5.09 -26.98
C ALA A 185 5.79 -5.46 -28.04
N PRO A 186 5.68 -6.65 -28.67
CA PRO A 186 6.71 -6.94 -29.67
C PRO A 186 6.65 -6.02 -30.88
N LEU A 187 5.48 -5.43 -31.13
CA LEU A 187 5.31 -4.53 -32.27
C LEU A 187 5.96 -3.17 -32.04
N VAL A 188 5.69 -2.59 -30.86
CA VAL A 188 6.10 -1.21 -30.57
C VAL A 188 7.59 -1.06 -30.27
N VAL A 189 8.24 -2.16 -29.87
CA VAL A 189 9.66 -2.10 -29.53
C VAL A 189 10.54 -2.00 -30.77
N SER A 190 9.98 -2.37 -31.92
CA SER A 190 10.70 -2.27 -33.19
C SER A 190 10.57 -0.86 -33.76
N LEU A 191 9.59 -0.12 -33.27
CA LEU A 191 9.33 1.24 -33.76
C LEU A 191 9.91 2.30 -32.82
N SER A 192 10.28 3.44 -33.38
CA SER A 192 10.75 4.57 -32.58
C SER A 192 9.64 5.61 -32.48
N ILE A 193 9.02 5.70 -31.31
CA ILE A 193 7.86 6.59 -31.14
C ILE A 193 7.99 7.54 -29.97
N PHE A 194 8.85 7.20 -29.00
CA PHE A 194 9.00 8.02 -27.80
C PHE A 194 10.36 8.68 -27.72
N ALA A 195 10.92 9.05 -28.88
CA ALA A 195 12.23 9.69 -28.91
C ALA A 195 12.19 11.05 -28.22
N VAL A 196 11.00 11.65 -28.18
CA VAL A 196 10.81 12.96 -27.54
C VAL A 196 11.00 12.86 -26.03
N PHE A 197 10.58 11.75 -25.44
CA PHE A 197 10.60 11.58 -23.99
C PHE A 197 11.90 10.97 -23.49
N GLY A 198 12.79 10.63 -24.41
CA GLY A 198 14.10 10.09 -24.05
C GLY A 198 14.22 8.60 -24.24
N SER A 199 13.63 8.09 -25.32
CA SER A 199 13.74 6.66 -25.63
C SER A 199 15.01 6.41 -26.44
N GLN A 200 15.76 5.38 -26.06
CA GLN A 200 17.02 5.05 -26.71
C GLN A 200 16.99 3.65 -27.30
N GLY A 201 17.39 3.53 -28.56
CA GLY A 201 17.39 2.24 -29.23
C GLY A 201 18.69 1.49 -29.04
N VAL A 202 18.60 0.15 -29.07
CA VAL A 202 19.78 -0.69 -28.97
C VAL A 202 19.95 -1.52 -30.24
N LYS A 203 21.03 -1.29 -30.96
CA LYS A 203 21.28 -1.98 -32.22
C LYS A 203 21.37 -3.49 -32.02
N GLN A 204 20.43 -4.21 -32.62
CA GLN A 204 20.36 -5.66 -32.53
C GLN A 204 21.35 -6.30 -33.50
N PRO A 205 21.70 -7.58 -33.25
CA PRO A 205 22.54 -8.33 -34.19
C PRO A 205 21.89 -8.50 -35.56
N ASP A 206 20.58 -8.28 -35.61
CA ASP A 206 19.83 -8.34 -36.86
C ASP A 206 20.11 -7.09 -37.70
N GLY A 207 20.67 -6.07 -37.07
CA GLY A 207 20.88 -4.79 -37.71
C GLY A 207 19.74 -3.84 -37.41
N THR A 208 18.64 -4.39 -36.89
CA THR A 208 17.46 -3.62 -36.55
C THR A 208 17.65 -2.88 -35.22
N GLU A 209 16.69 -2.05 -34.86
CA GLU A 209 16.74 -1.32 -33.60
C GLU A 209 15.71 -1.86 -32.62
N LEU A 210 16.06 -1.85 -31.33
CA LEU A 210 15.18 -2.35 -30.29
C LEU A 210 14.95 -1.30 -29.20
N TYR A 211 13.69 -0.92 -29.02
CA TYR A 211 13.32 0.08 -28.02
C TYR A 211 12.48 -0.59 -26.94
N LEU A 212 13.15 -1.19 -25.95
CA LEU A 212 12.47 -1.98 -24.93
C LEU A 212 11.60 -1.12 -24.02
N ALA A 213 11.90 0.17 -23.95
CA ALA A 213 11.12 1.08 -23.12
C ALA A 213 9.70 1.24 -23.65
N ASN A 214 9.53 1.03 -24.95
CA ASN A 214 8.23 1.17 -25.60
C ASN A 214 7.24 0.12 -25.14
N ALA A 215 7.74 -1.05 -24.75
CA ALA A 215 6.89 -2.14 -24.27
C ALA A 215 6.17 -1.76 -22.99
N SER A 216 6.75 -0.80 -22.26
CA SER A 216 6.21 -0.35 -20.99
C SER A 216 5.55 1.02 -21.10
N TRP A 217 6.17 1.91 -21.86
CA TRP A 217 5.69 3.28 -21.98
C TRP A 217 4.43 3.42 -22.83
N ILE A 218 4.13 2.40 -23.62
CA ILE A 218 2.98 2.44 -24.53
C ILE A 218 1.66 2.48 -23.76
N TRP A 219 1.67 1.99 -22.53
CA TRP A 219 0.46 1.91 -21.74
C TRP A 219 0.18 3.19 -20.96
N VAL A 220 1.22 4.00 -20.78
CA VAL A 220 1.10 5.26 -20.03
C VAL A 220 0.02 6.19 -20.57
N PRO A 221 -0.02 6.43 -21.90
CA PRO A 221 -1.09 7.31 -22.37
C PRO A 221 -2.49 6.70 -22.20
N PHE A 222 -2.62 5.41 -22.44
CA PHE A 222 -3.90 4.74 -22.32
C PHE A 222 -4.37 4.65 -20.86
N LEU A 223 -3.41 4.46 -19.96
CA LEU A 223 -3.71 4.47 -18.52
C LEU A 223 -4.20 5.85 -18.11
N ALA A 224 -3.60 6.89 -18.69
CA ALA A 224 -3.98 8.26 -18.37
C ALA A 224 -5.38 8.57 -18.90
N ILE A 225 -5.65 8.16 -20.13
CA ILE A 225 -6.94 8.39 -20.77
C ILE A 225 -8.10 7.80 -19.98
N PHE A 226 -8.00 6.52 -19.63
CA PHE A 226 -9.10 5.82 -18.98
C PHE A 226 -9.16 6.09 -17.48
N THR A 227 -8.14 6.76 -16.95
CA THR A 227 -8.20 7.27 -15.58
C THR A 227 -9.10 8.51 -15.58
N ILE A 228 -8.94 9.33 -16.61
CA ILE A 228 -9.81 10.49 -16.81
C ILE A 228 -11.22 10.03 -17.17
N ALA A 229 -11.30 8.99 -17.99
CA ALA A 229 -12.59 8.45 -18.41
C ALA A 229 -13.36 7.86 -17.23
N ALA A 230 -12.66 7.16 -16.34
CA ALA A 230 -13.28 6.59 -15.16
C ALA A 230 -13.73 7.67 -14.20
N TRP A 231 -13.00 8.78 -14.17
CA TRP A 231 -13.30 9.88 -13.26
C TRP A 231 -14.56 10.64 -13.67
N PHE A 232 -14.69 10.90 -14.97
CA PHE A 232 -15.81 11.68 -15.48
C PHE A 232 -16.98 10.81 -15.94
N GLY A 233 -16.72 9.51 -16.13
CA GLY A 233 -17.72 8.63 -16.71
C GLY A 233 -18.34 7.60 -15.78
N MET A 234 -17.62 7.20 -14.73
CA MET A 234 -18.13 6.19 -13.82
C MET A 234 -18.81 6.86 -12.62
N ASN A 235 -19.39 6.05 -11.75
CA ASN A 235 -20.17 6.57 -10.63
C ASN A 235 -19.81 5.93 -9.29
N ASP A 236 -20.11 6.65 -8.22
CA ASP A 236 -19.93 6.15 -6.86
C ASP A 236 -21.28 5.84 -6.22
N LEU A 237 -21.53 4.56 -5.95
CA LEU A 237 -22.79 4.15 -5.36
C LEU A 237 -22.81 4.45 -3.87
N ALA A 238 -23.56 5.46 -3.48
CA ALA A 238 -23.72 5.81 -2.06
C ALA A 238 -24.81 4.94 -1.41
N THR A 239 -24.57 3.63 -1.40
CA THR A 239 -25.53 2.68 -0.84
C THR A 239 -24.84 1.72 0.13
N SER A 240 -25.62 1.17 1.07
CA SER A 240 -25.09 0.24 2.06
C SER A 240 -24.60 -1.04 1.38
N LYS A 241 -23.49 -1.58 1.88
CA LYS A 241 -22.90 -2.78 1.29
C LYS A 241 -22.51 -3.78 2.39
N ALA A 242 -23.52 -4.23 3.13
CA ALA A 242 -23.30 -5.21 4.20
C ALA A 242 -24.16 -6.45 3.98
N LYS A 252 -20.79 -21.58 2.45
CA LYS A 252 -19.94 -22.03 3.55
C LYS A 252 -18.48 -21.85 3.20
N ARG A 253 -17.62 -21.96 4.22
CA ARG A 253 -16.17 -21.83 4.02
C ARG A 253 -15.60 -23.07 3.35
N GLY A 254 -16.33 -24.18 3.44
CA GLY A 254 -15.93 -25.42 2.78
C GLY A 254 -15.95 -25.25 1.28
N HIS A 255 -16.96 -24.55 0.78
CA HIS A 255 -17.06 -24.25 -0.64
C HIS A 255 -16.02 -23.23 -1.05
N LEU A 256 -15.63 -22.37 -0.11
CA LEU A 256 -14.66 -21.31 -0.35
C LEU A 256 -13.27 -21.88 -0.67
N TRP A 257 -12.95 -23.03 -0.08
CA TRP A 257 -11.66 -23.65 -0.29
C TRP A 257 -11.65 -24.54 -1.53
N ILE A 258 -12.79 -25.16 -1.82
CA ILE A 258 -12.90 -25.97 -3.03
C ILE A 258 -12.80 -25.08 -4.25
N MET A 259 -13.49 -23.95 -4.22
CA MET A 259 -13.43 -22.99 -5.31
C MET A 259 -12.04 -22.38 -5.43
N SER A 260 -11.38 -22.22 -4.29
CA SER A 260 -10.02 -21.68 -4.26
C SER A 260 -9.06 -22.65 -4.96
N LEU A 261 -9.19 -23.93 -4.65
CA LEU A 261 -8.37 -24.96 -5.26
C LEU A 261 -8.66 -25.08 -6.76
N LEU A 262 -9.94 -25.02 -7.11
CA LEU A 262 -10.35 -25.12 -8.50
C LEU A 262 -9.86 -23.92 -9.32
N TYR A 263 -9.95 -22.73 -8.74
CA TYR A 263 -9.56 -21.51 -9.44
C TYR A 263 -8.04 -21.42 -9.55
N LEU A 264 -7.35 -22.05 -8.62
CA LEU A 264 -5.88 -22.12 -8.68
C LEU A 264 -5.43 -23.05 -9.79
N ALA A 265 -6.11 -24.18 -9.91
CA ALA A 265 -5.76 -25.19 -10.91
C ALA A 265 -6.08 -24.73 -12.32
N THR A 266 -7.05 -23.83 -12.44
CA THR A 266 -7.50 -23.37 -13.75
C THR A 266 -6.94 -22.00 -14.11
N PHE A 267 -7.42 -20.96 -13.45
CA PHE A 267 -6.95 -19.62 -13.74
C PHE A 267 -5.47 -19.46 -13.40
N GLY A 268 -5.04 -20.06 -12.30
CA GLY A 268 -3.65 -20.03 -11.90
C GLY A 268 -2.75 -20.65 -12.95
N SER A 269 -3.25 -21.70 -13.60
CA SER A 269 -2.54 -22.32 -14.71
C SER A 269 -2.49 -21.35 -15.89
N PHE A 270 -3.64 -20.72 -16.16
CA PHE A 270 -3.73 -19.77 -17.27
C PHE A 270 -2.75 -18.61 -17.11
N ILE A 271 -2.76 -17.99 -15.93
CA ILE A 271 -1.93 -16.82 -15.68
C ILE A 271 -0.48 -17.24 -15.41
N GLY A 272 -0.29 -18.49 -15.00
CA GLY A 272 1.04 -19.02 -14.76
C GLY A 272 1.74 -19.35 -16.05
N PHE A 273 0.99 -19.94 -16.99
CA PHE A 273 1.52 -20.25 -18.31
C PHE A 273 1.74 -18.98 -19.11
N SER A 274 0.85 -18.00 -18.92
CA SER A 274 0.97 -16.72 -19.62
C SER A 274 2.24 -15.98 -19.26
N ALA A 275 2.70 -16.17 -18.02
CA ALA A 275 3.85 -15.43 -17.51
C ALA A 275 5.19 -16.03 -17.93
N GLY A 276 5.23 -17.36 -18.06
CA GLY A 276 6.49 -18.03 -18.29
C GLY A 276 6.61 -18.86 -19.56
N PHE A 277 5.62 -18.78 -20.44
CA PHE A 277 5.66 -19.55 -21.68
C PHE A 277 6.77 -19.07 -22.61
N ALA A 278 6.83 -17.76 -22.84
CA ALA A 278 7.82 -17.19 -23.73
C ALA A 278 9.23 -17.45 -23.23
N MET A 279 9.42 -17.34 -21.92
CA MET A 279 10.72 -17.63 -21.30
C MET A 279 11.09 -19.11 -21.42
N LEU A 280 10.11 -19.98 -21.20
CA LEU A 280 10.32 -21.42 -21.32
C LEU A 280 10.68 -21.78 -22.76
N SER A 281 9.92 -21.24 -23.70
CA SER A 281 10.15 -21.51 -25.12
C SER A 281 11.53 -21.02 -25.56
N LYS A 282 12.01 -19.96 -24.93
CA LYS A 282 13.30 -19.38 -25.27
C LYS A 282 14.45 -20.27 -24.82
N THR A 283 14.23 -21.01 -23.73
CA THR A 283 15.27 -21.89 -23.19
C THR A 283 15.32 -23.21 -23.95
N GLN A 284 14.16 -23.63 -24.47
CA GLN A 284 14.04 -24.90 -25.17
C GLN A 284 14.28 -24.78 -26.67
N PHE A 285 13.84 -23.66 -27.24
CA PHE A 285 14.01 -23.40 -28.66
C PHE A 285 14.54 -21.98 -28.87
N PRO A 286 15.85 -21.79 -28.68
CA PRO A 286 16.51 -20.49 -28.70
C PRO A 286 16.35 -19.74 -30.04
N ASP A 287 16.32 -20.48 -31.13
CA ASP A 287 16.25 -19.88 -32.46
C ASP A 287 14.91 -19.21 -32.74
N VAL A 288 13.85 -19.75 -32.16
CA VAL A 288 12.49 -19.27 -32.42
C VAL A 288 12.18 -17.96 -31.70
N GLN A 289 11.74 -16.96 -32.47
CA GLN A 289 11.28 -15.70 -31.90
C GLN A 289 9.86 -15.90 -31.38
N ILE A 290 9.75 -16.36 -30.14
CA ILE A 290 8.48 -16.78 -29.57
C ILE A 290 7.48 -15.63 -29.40
N LEU A 291 7.99 -14.41 -29.25
CA LEU A 291 7.13 -13.24 -29.04
C LEU A 291 6.29 -12.90 -30.27
N GLN A 292 6.52 -13.61 -31.37
CA GLN A 292 5.72 -13.43 -32.57
C GLN A 292 4.42 -14.22 -32.48
N TYR A 293 4.41 -15.25 -31.63
CA TYR A 293 3.27 -16.16 -31.56
C TYR A 293 2.74 -16.36 -30.14
N ALA A 294 3.50 -15.89 -29.14
CA ALA A 294 3.20 -16.15 -27.75
C ALA A 294 1.83 -15.60 -27.32
N PHE A 295 1.42 -14.49 -27.92
CA PHE A 295 0.16 -13.83 -27.54
C PHE A 295 -1.06 -14.70 -27.81
N PHE A 296 -0.92 -15.65 -28.74
CA PHE A 296 -2.03 -16.49 -29.16
C PHE A 296 -2.50 -17.42 -28.05
N GLY A 297 -1.59 -17.76 -27.14
CA GLY A 297 -1.89 -18.62 -26.02
C GLY A 297 -2.96 -18.04 -25.10
N PRO A 298 -2.63 -16.94 -24.40
CA PRO A 298 -3.58 -16.25 -23.53
C PRO A 298 -4.83 -15.76 -24.26
N PHE A 299 -4.72 -15.56 -25.58
CA PHE A 299 -5.85 -15.08 -26.37
C PHE A 299 -6.98 -16.11 -26.42
N ILE A 300 -6.65 -17.33 -26.84
CA ILE A 300 -7.66 -18.39 -26.92
C ILE A 300 -8.04 -18.85 -25.51
N GLY A 301 -7.17 -18.58 -24.54
CA GLY A 301 -7.44 -18.91 -23.16
C GLY A 301 -8.53 -18.01 -22.60
N ALA A 302 -8.37 -16.70 -22.81
CA ALA A 302 -9.35 -15.73 -22.36
C ALA A 302 -10.64 -15.88 -23.15
N LEU A 303 -10.51 -16.32 -24.40
CA LEU A 303 -11.66 -16.52 -25.28
C LEU A 303 -12.47 -17.74 -24.84
N ALA A 304 -11.78 -18.79 -24.42
CA ALA A 304 -12.43 -20.01 -23.98
C ALA A 304 -13.07 -19.84 -22.60
N ARG A 305 -12.66 -18.79 -21.89
CA ARG A 305 -13.18 -18.52 -20.55
C ARG A 305 -14.69 -18.25 -20.60
N SER A 306 -15.13 -17.57 -21.65
CA SER A 306 -16.55 -17.27 -21.84
C SER A 306 -17.34 -18.54 -22.17
N ALA A 307 -16.70 -19.45 -22.89
CA ALA A 307 -17.34 -20.71 -23.27
C ALA A 307 -17.48 -21.64 -22.05
N GLY A 308 -16.58 -21.49 -21.10
CA GLY A 308 -16.56 -22.35 -19.92
C GLY A 308 -17.75 -22.13 -19.01
N GLY A 309 -18.17 -20.89 -18.88
CA GLY A 309 -19.30 -20.54 -18.03
C GLY A 309 -20.61 -21.12 -18.54
N ALA A 310 -20.86 -20.94 -19.84
CA ALA A 310 -22.07 -21.46 -20.46
C ALA A 310 -22.07 -22.99 -20.48
N LEU A 311 -20.88 -23.57 -20.64
CA LEU A 311 -20.75 -25.02 -20.68
C LEU A 311 -21.03 -25.61 -19.31
N SER A 312 -20.55 -24.94 -18.27
CA SER A 312 -20.77 -25.39 -16.89
C SER A 312 -22.23 -25.24 -16.49
N ASP A 313 -22.87 -24.16 -16.95
CA ASP A 313 -24.28 -23.92 -16.67
C ASP A 313 -25.15 -25.00 -17.30
N ARG A 314 -24.75 -25.45 -18.48
CA ARG A 314 -25.51 -26.45 -19.23
C ARG A 314 -25.29 -27.86 -18.68
N LEU A 315 -24.03 -28.26 -18.55
CA LEU A 315 -23.71 -29.65 -18.22
C LEU A 315 -23.44 -29.88 -16.73
N GLY A 316 -23.34 -28.80 -15.95
CA GLY A 316 -23.07 -28.92 -14.54
C GLY A 316 -21.59 -28.71 -14.23
N GLY A 317 -21.29 -28.15 -13.07
CA GLY A 317 -19.93 -27.85 -12.69
C GLY A 317 -19.06 -29.08 -12.50
N THR A 318 -19.68 -30.18 -12.07
CA THR A 318 -18.95 -31.42 -11.81
C THR A 318 -18.39 -32.04 -13.09
N ARG A 319 -19.25 -32.23 -14.08
CA ARG A 319 -18.87 -32.91 -15.31
C ARG A 319 -17.82 -32.13 -16.10
N VAL A 320 -18.00 -30.81 -16.16
CA VAL A 320 -17.08 -29.95 -16.91
C VAL A 320 -15.70 -29.91 -16.24
N THR A 321 -15.69 -29.74 -14.93
CA THR A 321 -14.44 -29.66 -14.17
C THR A 321 -13.67 -30.97 -14.24
N LEU A 322 -14.39 -32.09 -14.18
CA LEU A 322 -13.78 -33.41 -14.24
C LEU A 322 -13.09 -33.63 -15.58
N VAL A 323 -13.85 -33.47 -16.66
CA VAL A 323 -13.34 -33.67 -18.02
C VAL A 323 -12.19 -32.71 -18.33
N ASN A 324 -12.33 -31.47 -17.89
CA ASN A 324 -11.29 -30.46 -18.12
C ASN A 324 -9.98 -30.83 -17.45
N PHE A 325 -10.04 -31.23 -16.19
CA PHE A 325 -8.85 -31.64 -15.45
C PHE A 325 -8.19 -32.87 -16.07
N ILE A 326 -9.01 -33.75 -16.64
CA ILE A 326 -8.51 -34.90 -17.37
C ILE A 326 -7.65 -34.43 -18.54
N LEU A 327 -8.19 -33.48 -19.31
CA LEU A 327 -7.49 -32.94 -20.47
C LEU A 327 -6.22 -32.21 -20.09
N MET A 328 -6.25 -31.53 -18.94
CA MET A 328 -5.07 -30.82 -18.45
C MET A 328 -3.95 -31.81 -18.14
N ALA A 329 -4.32 -32.93 -17.52
CA ALA A 329 -3.34 -33.96 -17.20
C ALA A 329 -2.77 -34.59 -18.46
N ILE A 330 -3.64 -34.86 -19.42
CA ILE A 330 -3.23 -35.46 -20.69
C ILE A 330 -2.29 -34.53 -21.46
N PHE A 331 -2.71 -33.28 -21.63
CA PHE A 331 -1.93 -32.31 -22.39
C PHE A 331 -0.62 -31.94 -21.69
N SER A 332 -0.62 -31.95 -20.36
CA SER A 332 0.61 -31.71 -19.61
C SER A 332 1.52 -32.92 -19.71
N GLY A 333 0.93 -34.07 -20.05
CA GLY A 333 1.68 -35.30 -20.24
C GLY A 333 2.29 -35.37 -21.63
N LEU A 334 1.55 -34.88 -22.62
CA LEU A 334 2.04 -34.87 -24.00
C LEU A 334 3.18 -33.87 -24.17
N LEU A 335 3.29 -32.93 -23.23
CA LEU A 335 4.29 -31.86 -23.32
C LEU A 335 5.71 -32.40 -23.22
N PHE A 336 5.86 -33.57 -22.60
CA PHE A 336 7.16 -34.21 -22.46
C PHE A 336 7.72 -34.67 -23.81
N LEU A 337 6.83 -35.07 -24.71
CA LEU A 337 7.24 -35.60 -26.01
C LEU A 337 7.80 -34.53 -26.93
N THR A 338 7.48 -33.28 -26.64
CA THR A 338 7.85 -32.17 -27.54
C THR A 338 9.17 -31.51 -27.16
N LEU A 339 9.85 -32.07 -26.16
CA LEU A 339 11.06 -31.45 -25.62
C LEU A 339 12.34 -32.10 -26.11
N PRO A 340 13.37 -31.28 -26.35
CA PRO A 340 14.71 -31.77 -26.68
C PRO A 340 15.33 -32.50 -25.50
N THR A 341 15.75 -33.75 -25.71
CA THR A 341 16.26 -34.57 -24.62
C THR A 341 17.49 -35.39 -25.01
N ASP A 342 18.68 -34.78 -24.92
CA ASP A 342 18.82 -33.37 -24.56
C ASP A 342 19.67 -32.69 -25.62
N GLY A 343 19.08 -31.72 -26.31
CA GLY A 343 19.70 -31.13 -27.48
C GLY A 343 19.48 -32.04 -28.66
N GLN A 344 18.67 -33.08 -28.45
CA GLN A 344 18.35 -34.06 -29.48
C GLN A 344 16.86 -34.01 -29.82
N GLY A 345 16.55 -33.57 -31.03
CA GLY A 345 15.18 -33.53 -31.50
C GLY A 345 14.34 -32.45 -30.84
N GLY A 346 13.10 -32.80 -30.51
CA GLY A 346 12.16 -31.84 -29.98
C GLY A 346 11.44 -31.15 -31.13
N SER A 347 10.20 -30.72 -30.89
CA SER A 347 9.40 -30.08 -31.92
C SER A 347 8.71 -28.84 -31.39
N PHE A 348 9.12 -27.67 -31.87
CA PHE A 348 8.49 -26.42 -31.45
C PHE A 348 7.02 -26.37 -31.86
N MET A 349 6.72 -26.88 -33.05
CA MET A 349 5.35 -26.90 -33.55
C MET A 349 4.45 -27.69 -32.62
N ALA A 350 4.93 -28.85 -32.18
CA ALA A 350 4.19 -29.69 -31.24
C ALA A 350 4.17 -29.05 -29.85
N PHE A 351 5.31 -28.50 -29.47
CA PHE A 351 5.45 -27.79 -28.19
C PHE A 351 4.49 -26.61 -28.10
N PHE A 352 4.35 -25.87 -29.19
CA PHE A 352 3.47 -24.70 -29.23
C PHE A 352 2.01 -25.13 -29.26
N ALA A 353 1.70 -26.17 -30.02
CA ALA A 353 0.33 -26.66 -30.15
C ALA A 353 -0.20 -27.22 -28.84
N VAL A 354 0.64 -27.98 -28.13
CA VAL A 354 0.27 -28.57 -26.85
C VAL A 354 -0.01 -27.48 -25.81
N PHE A 355 0.82 -26.43 -25.81
CA PHE A 355 0.61 -25.33 -24.89
C PHE A 355 -0.68 -24.57 -25.20
N LEU A 356 -1.02 -24.50 -26.49
CA LEU A 356 -2.29 -23.91 -26.90
C LEU A 356 -3.43 -24.72 -26.33
N ALA A 357 -3.28 -26.04 -26.33
CA ALA A 357 -4.25 -26.93 -25.74
C ALA A 357 -4.33 -26.72 -24.23
N LEU A 358 -3.18 -26.40 -23.63
CA LEU A 358 -3.12 -26.14 -22.19
C LEU A 358 -3.70 -24.77 -21.85
N PHE A 359 -3.46 -23.78 -22.70
CA PHE A 359 -4.06 -22.47 -22.54
C PHE A 359 -5.57 -22.54 -22.72
N LEU A 360 -6.01 -23.33 -23.68
CA LEU A 360 -7.43 -23.47 -23.98
C LEU A 360 -8.17 -24.12 -22.82
N THR A 361 -7.61 -25.20 -22.29
CA THR A 361 -8.25 -25.95 -21.23
C THR A 361 -8.17 -25.23 -19.88
N ALA A 362 -7.19 -24.35 -19.74
CA ALA A 362 -7.05 -23.58 -18.51
C ALA A 362 -8.07 -22.45 -18.47
N GLY A 363 -8.31 -21.84 -19.62
CA GLY A 363 -9.29 -20.78 -19.73
C GLY A 363 -10.70 -21.32 -19.58
N LEU A 364 -10.94 -22.49 -20.19
CA LEU A 364 -12.23 -23.15 -20.10
C LEU A 364 -12.60 -23.41 -18.64
N GLY A 365 -11.66 -24.01 -17.90
CA GLY A 365 -11.87 -24.31 -16.49
C GLY A 365 -11.96 -23.05 -15.66
N SER A 366 -11.31 -21.99 -16.12
CA SER A 366 -11.33 -20.71 -15.43
C SER A 366 -12.75 -20.12 -15.43
N GLY A 367 -13.38 -20.15 -16.59
CA GLY A 367 -14.74 -19.65 -16.74
C GLY A 367 -15.74 -20.60 -16.11
N SER A 368 -15.44 -21.89 -16.17
CA SER A 368 -16.29 -22.90 -15.56
C SER A 368 -16.31 -22.78 -14.05
N THR A 369 -15.12 -22.58 -13.48
CA THR A 369 -14.99 -22.40 -12.04
C THR A 369 -15.66 -21.10 -11.59
N PHE A 370 -15.48 -20.05 -12.38
CA PHE A 370 -16.06 -18.75 -12.08
C PHE A 370 -17.59 -18.81 -12.05
N GLN A 371 -18.16 -19.59 -12.96
CA GLN A 371 -19.61 -19.75 -13.03
C GLN A 371 -20.13 -20.43 -11.78
N MET A 372 -19.34 -21.36 -11.26
CA MET A 372 -19.69 -22.06 -10.02
C MET A 372 -19.64 -21.11 -8.82
N ILE A 373 -18.68 -20.20 -8.83
CA ILE A 373 -18.53 -19.23 -7.75
C ILE A 373 -19.76 -18.33 -7.63
N SER A 374 -20.26 -17.86 -8.77
CA SER A 374 -21.44 -17.01 -8.80
C SER A 374 -22.69 -17.77 -8.42
N VAL A 375 -22.74 -19.06 -8.75
CA VAL A 375 -23.88 -19.89 -8.38
C VAL A 375 -23.93 -20.07 -6.87
N ILE A 376 -22.78 -20.32 -6.26
CA ILE A 376 -22.69 -20.58 -4.83
C ILE A 376 -22.87 -19.31 -3.99
N PHE A 377 -22.18 -18.24 -4.35
CA PHE A 377 -22.10 -17.06 -3.50
C PHE A 377 -23.00 -15.90 -3.91
N ARG A 378 -23.52 -15.93 -5.13
CA ARG A 378 -24.41 -14.86 -5.58
C ARG A 378 -25.86 -15.33 -5.70
N LYS A 379 -26.10 -16.29 -6.59
CA LYS A 379 -27.46 -16.74 -6.85
C LYS A 379 -28.07 -17.49 -5.67
N LEU A 380 -27.30 -18.42 -5.10
CA LEU A 380 -27.76 -19.19 -3.96
C LEU A 380 -27.99 -18.30 -2.74
N THR A 381 -27.13 -17.30 -2.58
CA THR A 381 -27.25 -16.36 -1.47
C THR A 381 -28.49 -15.49 -1.63
N MET A 382 -28.70 -15.00 -2.86
CA MET A 382 -29.81 -14.11 -3.17
C MET A 382 -31.15 -14.82 -3.04
N ASP A 383 -31.14 -16.13 -3.14
CA ASP A 383 -32.36 -16.92 -3.09
C ASP A 383 -32.57 -17.54 -1.70
N ARG A 384 -31.50 -17.60 -0.91
CA ARG A 384 -31.61 -18.11 0.45
C ARG A 384 -32.30 -17.08 1.35
N VAL A 385 -32.01 -15.81 1.11
CA VAL A 385 -32.59 -14.72 1.88
C VAL A 385 -34.06 -14.53 1.51
N LYS A 386 -34.38 -14.72 0.23
CA LYS A 386 -35.77 -14.64 -0.22
C LYS A 386 -36.61 -15.73 0.41
N ALA A 387 -36.04 -16.93 0.50
CA ALA A 387 -36.73 -18.05 1.13
C ALA A 387 -36.91 -17.81 2.62
N GLU A 388 -36.10 -16.91 3.18
CA GLU A 388 -36.21 -16.55 4.59
C GLU A 388 -37.18 -15.39 4.79
N GLY A 389 -37.78 -14.93 3.70
CA GLY A 389 -38.74 -13.85 3.76
C GLY A 389 -38.12 -12.47 3.62
N GLY A 390 -36.86 -12.43 3.20
CA GLY A 390 -36.14 -11.18 3.04
C GLY A 390 -36.57 -10.40 1.82
N SER A 391 -36.38 -9.08 1.85
CA SER A 391 -36.75 -8.22 0.75
C SER A 391 -35.83 -8.40 -0.45
N ASP A 392 -36.22 -7.84 -1.59
CA ASP A 392 -35.45 -7.95 -2.82
C ASP A 392 -34.20 -7.06 -2.75
N GLU A 393 -34.31 -5.98 -1.99
CA GLU A 393 -33.19 -5.06 -1.80
C GLU A 393 -32.09 -5.72 -0.98
N ARG A 394 -32.47 -6.36 0.12
CA ARG A 394 -31.53 -7.03 0.98
C ARG A 394 -30.93 -8.26 0.28
N ALA A 395 -31.73 -8.86 -0.60
CA ALA A 395 -31.29 -10.02 -1.37
C ALA A 395 -30.11 -9.65 -2.29
N MET A 396 -30.27 -8.57 -3.03
CA MET A 396 -29.22 -8.09 -3.93
C MET A 396 -27.98 -7.68 -3.16
N ARG A 397 -28.20 -7.07 -2.00
CA ARG A 397 -27.11 -6.52 -1.18
C ARG A 397 -26.18 -7.61 -0.67
N GLU A 398 -26.75 -8.59 0.03
CA GLU A 398 -25.96 -9.67 0.60
C GLU A 398 -25.25 -10.47 -0.48
N ALA A 399 -25.97 -10.77 -1.56
CA ALA A 399 -25.40 -11.53 -2.68
C ALA A 399 -24.20 -10.82 -3.30
N ALA A 400 -24.32 -9.50 -3.45
CA ALA A 400 -23.26 -8.72 -4.07
C ALA A 400 -22.02 -8.65 -3.19
N THR A 401 -22.22 -8.43 -1.90
CA THR A 401 -21.11 -8.31 -0.96
C THR A 401 -20.44 -9.67 -0.70
N ASP A 402 -21.26 -10.71 -0.59
CA ASP A 402 -20.73 -12.05 -0.39
C ASP A 402 -19.92 -12.50 -1.60
N THR A 403 -20.36 -12.09 -2.79
CA THR A 403 -19.66 -12.41 -4.01
C THR A 403 -18.34 -11.64 -4.09
N ALA A 404 -18.39 -10.37 -3.71
CA ALA A 404 -17.21 -9.52 -3.71
C ALA A 404 -16.16 -10.03 -2.74
N ALA A 405 -16.60 -10.48 -1.58
CA ALA A 405 -15.70 -10.99 -0.55
C ALA A 405 -15.13 -12.35 -0.95
N ALA A 406 -16.00 -13.23 -1.44
CA ALA A 406 -15.58 -14.56 -1.84
C ALA A 406 -14.61 -14.52 -3.02
N LEU A 407 -14.97 -13.77 -4.05
CA LEU A 407 -14.14 -13.68 -5.25
C LEU A 407 -12.80 -13.04 -4.94
N GLY A 408 -12.77 -12.16 -3.94
CA GLY A 408 -11.54 -11.55 -3.49
C GLY A 408 -10.60 -12.59 -2.92
N PHE A 409 -11.14 -13.46 -2.07
CA PHE A 409 -10.36 -14.53 -1.47
C PHE A 409 -9.95 -15.58 -2.51
N ILE A 410 -10.92 -16.01 -3.31
CA ILE A 410 -10.72 -17.07 -4.30
C ILE A 410 -9.70 -16.67 -5.37
N SER A 411 -9.83 -15.46 -5.90
CA SER A 411 -8.92 -14.99 -6.93
C SER A 411 -7.52 -14.74 -6.37
N ALA A 412 -7.45 -14.46 -5.07
CA ALA A 412 -6.16 -14.29 -4.40
C ALA A 412 -5.40 -15.61 -4.36
N ILE A 413 -6.10 -16.67 -3.95
CA ILE A 413 -5.51 -18.00 -3.91
C ILE A 413 -5.17 -18.46 -5.33
N GLY A 414 -6.01 -18.08 -6.29
CA GLY A 414 -5.81 -18.46 -7.68
C GLY A 414 -4.59 -17.84 -8.30
N ALA A 415 -4.20 -16.65 -7.82
CA ALA A 415 -3.08 -15.92 -8.40
C ALA A 415 -1.74 -16.55 -8.05
N ILE A 416 -1.75 -17.47 -7.09
CA ILE A 416 -0.53 -18.15 -6.65
C ILE A 416 0.10 -18.94 -7.80
N GLY A 417 -0.75 -19.46 -8.69
CA GLY A 417 -0.29 -20.20 -9.85
C GLY A 417 0.54 -19.34 -10.79
N GLY A 418 0.30 -18.04 -10.77
CA GLY A 418 1.05 -17.10 -11.59
C GLY A 418 2.49 -16.97 -11.14
N PHE A 419 2.76 -17.35 -9.89
CA PHE A 419 4.12 -17.34 -9.36
C PHE A 419 4.73 -18.72 -9.41
N PHE A 420 3.95 -19.72 -9.00
CA PHE A 420 4.45 -21.07 -8.86
C PHE A 420 4.99 -21.64 -10.18
N ILE A 421 4.20 -21.54 -11.25
CA ILE A 421 4.56 -22.13 -12.52
C ILE A 421 5.85 -21.55 -13.15
N PRO A 422 5.99 -20.20 -13.21
CA PRO A 422 7.26 -19.71 -13.76
C PRO A 422 8.44 -20.03 -12.85
N LYS A 423 8.22 -19.94 -11.53
CA LYS A 423 9.26 -20.22 -10.56
C LYS A 423 9.67 -21.68 -10.60
N ALA A 424 8.70 -22.55 -10.84
CA ALA A 424 8.97 -23.98 -10.94
C ALA A 424 9.85 -24.28 -12.15
N PHE A 425 9.56 -23.62 -13.26
CA PHE A 425 10.36 -23.78 -14.48
C PHE A 425 11.79 -23.31 -14.26
N GLY A 426 11.93 -22.13 -13.67
CA GLY A 426 13.25 -21.56 -13.40
C GLY A 426 14.07 -22.43 -12.48
N SER A 427 13.43 -22.96 -11.44
CA SER A 427 14.10 -23.82 -10.48
C SER A 427 14.47 -25.17 -11.10
N SER A 428 13.57 -25.71 -11.93
CA SER A 428 13.80 -26.98 -12.60
C SER A 428 14.94 -26.87 -13.61
N LEU A 429 14.99 -25.74 -14.31
CA LEU A 429 16.01 -25.50 -15.33
C LEU A 429 17.38 -25.25 -14.71
N ALA A 430 17.39 -24.61 -13.54
CA ALA A 430 18.64 -24.31 -12.86
C ALA A 430 19.22 -25.56 -12.20
N LEU A 431 18.37 -26.32 -11.52
CA LEU A 431 18.82 -27.48 -10.76
C LEU A 431 19.15 -28.69 -11.64
N THR A 432 18.36 -28.87 -12.71
CA THR A 432 18.45 -30.10 -13.50
C THR A 432 18.81 -29.86 -14.97
N GLY A 433 18.77 -28.60 -15.39
CA GLY A 433 19.04 -28.26 -16.78
C GLY A 433 17.92 -28.73 -17.70
N SER A 434 16.73 -28.91 -17.13
CA SER A 434 15.58 -29.39 -17.87
C SER A 434 14.27 -28.96 -17.22
N PRO A 435 13.25 -28.65 -18.04
CA PRO A 435 11.95 -28.23 -17.53
C PRO A 435 11.07 -29.40 -17.10
N VAL A 436 11.59 -30.62 -17.26
CA VAL A 436 10.85 -31.83 -16.92
C VAL A 436 10.42 -31.87 -15.45
N GLY A 437 11.32 -31.46 -14.57
CA GLY A 437 11.08 -31.48 -13.14
C GLY A 437 9.85 -30.67 -12.73
N ALA A 438 9.68 -29.53 -13.37
CA ALA A 438 8.53 -28.68 -13.10
C ALA A 438 7.26 -29.26 -13.71
N MET A 439 7.43 -29.95 -14.83
CA MET A 439 6.29 -30.53 -15.54
C MET A 439 5.76 -31.78 -14.85
N LYS A 440 6.64 -32.48 -14.14
CA LYS A 440 6.22 -33.63 -13.34
C LYS A 440 5.31 -33.18 -12.22
N VAL A 441 5.71 -32.11 -11.54
CA VAL A 441 4.91 -31.53 -10.46
C VAL A 441 3.54 -31.10 -10.96
N PHE A 442 3.50 -30.48 -12.13
CA PHE A 442 2.26 -30.03 -12.74
C PHE A 442 1.33 -31.21 -13.04
N LEU A 443 1.90 -32.28 -13.58
CA LEU A 443 1.13 -33.46 -13.92
C LEU A 443 0.51 -34.11 -12.68
N ILE A 444 1.31 -34.26 -11.63
CA ILE A 444 0.83 -34.83 -10.38
C ILE A 444 -0.28 -33.97 -9.80
N PHE A 445 -0.11 -32.66 -9.93
CA PHE A 445 -1.11 -31.70 -9.47
C PHE A 445 -2.44 -31.88 -10.20
N TYR A 446 -2.38 -31.96 -11.53
CA TYR A 446 -3.58 -32.13 -12.34
C TYR A 446 -4.27 -33.46 -12.08
N ILE A 447 -3.48 -34.52 -11.95
CA ILE A 447 -4.01 -35.84 -11.62
C ILE A 447 -4.68 -35.80 -10.25
N ALA A 448 -4.06 -35.11 -9.30
CA ALA A 448 -4.63 -34.93 -7.98
C ALA A 448 -5.94 -34.16 -8.05
N CYS A 449 -5.98 -33.15 -8.92
CA CYS A 449 -7.19 -32.36 -9.11
C CYS A 449 -8.34 -33.21 -9.63
N VAL A 450 -8.01 -34.15 -10.51
CA VAL A 450 -9.01 -35.09 -11.01
C VAL A 450 -9.57 -35.93 -9.87
N VAL A 451 -8.67 -36.42 -9.01
CA VAL A 451 -9.06 -37.26 -7.89
C VAL A 451 -9.89 -36.50 -6.85
N ILE A 452 -9.39 -35.33 -6.45
CA ILE A 452 -10.07 -34.52 -5.44
C ILE A 452 -11.44 -34.05 -5.93
N THR A 453 -11.52 -33.71 -7.22
CA THR A 453 -12.80 -33.30 -7.80
C THR A 453 -13.76 -34.49 -7.83
N TRP A 454 -13.21 -35.69 -7.98
CA TRP A 454 -14.00 -36.91 -7.92
C TRP A 454 -14.39 -37.23 -6.48
N ALA A 455 -13.65 -36.67 -5.53
CA ALA A 455 -13.97 -36.86 -4.12
C ALA A 455 -15.18 -36.04 -3.73
N VAL A 456 -15.20 -34.78 -4.18
CA VAL A 456 -16.37 -33.93 -3.97
C VAL A 456 -17.39 -34.20 -5.07
N TYR A 457 -18.07 -35.34 -4.95
CA TYR A 457 -18.91 -35.88 -6.01
C TYR A 457 -20.02 -36.75 -5.40
N GLY B 12 -18.65 16.83 -6.09
CA GLY B 12 -19.23 17.34 -4.86
C GLY B 12 -18.25 17.30 -3.70
N ALA B 13 -17.06 17.84 -3.91
CA ALA B 13 -16.04 17.88 -2.87
C ALA B 13 -16.48 18.71 -1.68
N VAL B 14 -17.17 19.82 -1.95
CA VAL B 14 -17.66 20.69 -0.89
C VAL B 14 -19.00 20.19 -0.38
N ILE B 15 -19.08 19.95 0.93
CA ILE B 15 -20.32 19.44 1.53
C ILE B 15 -21.06 20.54 2.27
N THR B 16 -22.28 20.82 1.82
CA THR B 16 -23.12 21.84 2.44
C THR B 16 -24.17 21.19 3.32
N ASP B 17 -24.38 19.89 3.16
CA ASP B 17 -25.34 19.15 3.97
C ASP B 17 -24.64 18.16 4.89
N TRP B 18 -24.43 18.54 6.15
CA TRP B 18 -23.78 17.68 7.12
C TRP B 18 -24.59 17.61 8.41
N ARG B 19 -25.34 16.53 8.57
CA ARG B 19 -26.22 16.38 9.73
C ARG B 19 -25.97 15.11 10.52
N PRO B 20 -24.87 15.08 11.29
CA PRO B 20 -24.56 13.89 12.10
C PRO B 20 -25.53 13.71 13.26
N GLU B 21 -26.31 14.74 13.57
CA GLU B 21 -27.33 14.64 14.61
C GLU B 21 -28.51 13.80 14.15
N ASP B 22 -28.64 13.68 12.82
CA ASP B 22 -29.67 12.85 12.22
C ASP B 22 -29.13 11.43 12.01
N PRO B 23 -29.73 10.46 12.72
CA PRO B 23 -29.32 9.05 12.62
C PRO B 23 -29.47 8.51 11.19
N ALA B 24 -30.50 8.99 10.49
CA ALA B 24 -30.76 8.57 9.13
C ALA B 24 -29.68 9.04 8.16
N PHE B 25 -29.32 10.32 8.28
CA PHE B 25 -28.29 10.90 7.44
C PHE B 25 -26.96 10.17 7.61
N TRP B 26 -26.61 9.86 8.85
CA TRP B 26 -25.35 9.23 9.15
C TRP B 26 -25.27 7.81 8.59
N GLN B 27 -26.37 7.09 8.67
CA GLN B 27 -26.42 5.71 8.19
C GLN B 27 -26.39 5.64 6.66
N GLN B 28 -26.85 6.71 6.01
CA GLN B 28 -26.97 6.72 4.56
C GLN B 28 -25.81 7.46 3.88
N ARG B 29 -25.39 8.57 4.47
CA ARG B 29 -24.39 9.42 3.84
C ARG B 29 -23.19 9.72 4.75
N GLY B 30 -23.47 10.04 6.01
CA GLY B 30 -22.44 10.47 6.94
C GLY B 30 -21.31 9.48 7.20
N GLN B 31 -21.67 8.24 7.49
CA GLN B 31 -20.68 7.20 7.81
C GLN B 31 -19.72 6.95 6.65
N ARG B 32 -20.26 6.92 5.44
CA ARG B 32 -19.48 6.61 4.25
C ARG B 32 -18.49 7.72 3.93
N ILE B 33 -18.97 8.96 4.01
CA ILE B 33 -18.14 10.13 3.76
C ILE B 33 -17.01 10.23 4.79
N ALA B 34 -17.35 9.97 6.05
CA ALA B 34 -16.39 10.06 7.14
C ALA B 34 -15.25 9.04 7.00
N SER B 35 -15.60 7.80 6.68
CA SER B 35 -14.62 6.73 6.57
C SER B 35 -13.66 6.93 5.40
N ARG B 36 -14.19 7.39 4.27
CA ARG B 36 -13.37 7.67 3.10
C ARG B 36 -12.34 8.76 3.40
N ASN B 37 -12.80 9.83 4.04
CA ASN B 37 -11.92 10.92 4.41
C ASN B 37 -10.87 10.48 5.42
N LEU B 38 -11.24 9.52 6.27
CA LEU B 38 -10.32 8.97 7.26
C LEU B 38 -9.18 8.20 6.61
N TRP B 39 -9.50 7.37 5.61
CA TRP B 39 -8.52 6.47 5.01
C TRP B 39 -7.75 7.12 3.87
N ILE B 40 -7.95 8.43 3.70
CA ILE B 40 -7.08 9.22 2.84
C ILE B 40 -6.23 10.10 3.76
N SER B 41 -6.80 10.43 4.92
CA SER B 41 -6.11 11.21 5.93
C SER B 41 -4.97 10.42 6.57
N VAL B 42 -5.21 9.13 6.81
CA VAL B 42 -4.22 8.27 7.45
C VAL B 42 -2.92 8.13 6.63
N PRO B 43 -3.01 7.81 5.33
CA PRO B 43 -1.73 7.73 4.60
C PRO B 43 -1.07 9.09 4.40
N CYS B 44 -1.88 10.14 4.36
CA CYS B 44 -1.33 11.50 4.22
C CYS B 44 -0.59 11.92 5.47
N LEU B 45 -1.08 11.49 6.64
CA LEU B 45 -0.44 11.83 7.90
C LEU B 45 0.79 10.97 8.14
N LEU B 46 0.74 9.71 7.70
CA LEU B 46 1.86 8.80 7.84
C LEU B 46 3.06 9.32 7.05
N LEU B 47 2.79 9.87 5.87
CA LEU B 47 3.84 10.44 5.03
C LEU B 47 4.44 11.68 5.67
N ALA B 48 3.64 12.40 6.45
CA ALA B 48 4.12 13.58 7.15
C ALA B 48 5.17 13.21 8.20
N PHE B 49 4.90 12.14 8.95
CA PHE B 49 5.85 11.69 9.96
C PHE B 49 7.14 11.15 9.35
N CYS B 50 7.06 10.77 8.08
CA CYS B 50 8.26 10.34 7.34
C CYS B 50 9.16 11.54 7.08
N VAL B 51 8.57 12.61 6.55
CA VAL B 51 9.31 13.83 6.23
C VAL B 51 9.78 14.54 7.49
N TRP B 52 8.97 14.50 8.54
CA TRP B 52 9.26 15.19 9.78
C TRP B 52 10.55 14.67 10.43
N MET B 53 10.67 13.35 10.54
CA MET B 53 11.83 12.75 11.20
C MET B 53 12.87 12.29 10.19
N LEU B 54 12.88 12.92 9.02
CA LEU B 54 13.76 12.50 7.93
C LEU B 54 15.24 12.60 8.31
N PHE B 55 15.61 13.65 9.04
CA PHE B 55 17.01 13.84 9.40
C PHE B 55 17.49 12.87 10.49
N SER B 56 16.56 12.14 11.09
CA SER B 56 16.93 11.15 12.10
C SER B 56 17.71 10.00 11.47
N ALA B 57 17.55 9.82 10.17
CA ALA B 57 18.25 8.76 9.44
C ALA B 57 19.28 9.33 8.49
N VAL B 58 19.05 10.55 8.02
CA VAL B 58 19.94 11.20 7.07
C VAL B 58 21.22 11.69 7.73
N ALA B 59 21.09 12.27 8.92
CA ALA B 59 22.24 12.83 9.64
C ALA B 59 23.29 11.77 9.97
N VAL B 60 22.84 10.52 10.13
CA VAL B 60 23.74 9.41 10.41
C VAL B 60 24.60 9.08 9.19
N ASN B 61 24.02 9.24 8.01
CA ASN B 61 24.71 8.91 6.77
C ASN B 61 25.47 10.10 6.17
N LEU B 62 25.35 11.26 6.80
CA LEU B 62 26.08 12.45 6.37
C LEU B 62 27.61 12.30 6.44
N PRO B 63 28.14 11.71 7.54
CA PRO B 63 29.60 11.55 7.51
C PRO B 63 30.07 10.42 6.58
N LYS B 64 29.14 9.68 6.00
CA LYS B 64 29.49 8.58 5.12
C LYS B 64 29.53 9.01 3.66
N VAL B 65 29.16 10.27 3.41
CA VAL B 65 29.23 10.82 2.06
C VAL B 65 30.21 11.98 1.99
N GLY B 66 30.97 12.19 3.06
CA GLY B 66 32.04 13.16 3.05
C GLY B 66 31.92 14.31 4.04
N PHE B 67 30.70 14.58 4.48
CA PHE B 67 30.47 15.66 5.43
C PHE B 67 31.15 15.38 6.77
N ASN B 68 31.76 16.40 7.37
CA ASN B 68 32.43 16.23 8.64
C ASN B 68 31.96 17.26 9.67
N PHE B 69 30.65 17.36 9.83
CA PHE B 69 30.05 18.23 10.83
C PHE B 69 30.33 17.67 12.22
N THR B 70 30.27 18.52 13.24
CA THR B 70 30.44 18.08 14.61
C THR B 70 29.26 17.23 15.06
N THR B 71 29.43 16.49 16.15
CA THR B 71 28.36 15.64 16.67
C THR B 71 27.17 16.48 17.09
N ASP B 72 27.44 17.65 17.66
CA ASP B 72 26.38 18.55 18.11
C ASP B 72 25.60 19.10 16.91
N GLN B 73 26.31 19.32 15.81
CA GLN B 73 25.69 19.81 14.59
C GLN B 73 24.74 18.79 13.97
N LEU B 74 25.11 17.51 14.05
CA LEU B 74 24.27 16.45 13.50
C LEU B 74 23.01 16.24 14.35
N PHE B 75 23.15 16.34 15.66
CA PHE B 75 22.00 16.25 16.56
C PHE B 75 21.08 17.45 16.35
N MET B 76 21.67 18.60 16.02
CA MET B 76 20.91 19.82 15.79
C MET B 76 19.98 19.66 14.58
N LEU B 77 20.41 18.90 13.59
CA LEU B 77 19.63 18.67 12.39
C LEU B 77 18.41 17.79 12.67
N THR B 78 18.53 16.91 13.65
CA THR B 78 17.44 16.00 13.99
C THR B 78 16.44 16.68 14.93
N ALA B 79 16.89 17.72 15.63
CA ALA B 79 16.08 18.37 16.66
C ALA B 79 15.29 19.56 16.12
N LEU B 80 15.85 20.23 15.11
CA LEU B 80 15.22 21.42 14.52
C LEU B 80 13.81 21.22 13.93
N PRO B 81 13.52 20.06 13.30
CA PRO B 81 12.16 19.92 12.78
C PRO B 81 11.07 20.02 13.86
N SER B 82 11.40 19.65 15.09
CA SER B 82 10.45 19.74 16.18
C SER B 82 10.24 21.18 16.64
N VAL B 83 11.20 22.05 16.35
CA VAL B 83 11.06 23.47 16.65
C VAL B 83 9.99 24.10 15.78
N SER B 84 10.20 24.04 14.47
CA SER B 84 9.23 24.58 13.52
C SER B 84 7.93 23.78 13.56
N GLY B 85 8.04 22.51 13.91
CA GLY B 85 6.87 21.66 14.05
C GLY B 85 5.98 22.12 15.18
N ALA B 86 6.58 22.36 16.34
CA ALA B 86 5.83 22.81 17.52
C ALA B 86 5.18 24.17 17.30
N LEU B 87 5.92 25.08 16.67
CA LEU B 87 5.45 26.44 16.45
C LEU B 87 4.27 26.50 15.47
N LEU B 88 4.23 25.58 14.52
CA LEU B 88 3.25 25.65 13.44
C LEU B 88 1.97 24.85 13.72
N ARG B 89 1.97 24.05 14.79
CA ARG B 89 0.84 23.18 15.06
C ARG B 89 -0.43 23.95 15.44
N VAL B 90 -0.31 24.94 16.32
CA VAL B 90 -1.48 25.74 16.69
C VAL B 90 -2.05 26.52 15.47
N PRO B 91 -1.18 27.13 14.65
CA PRO B 91 -1.76 27.72 13.42
C PRO B 91 -2.40 26.69 12.49
N TYR B 92 -1.77 25.53 12.35
CA TYR B 92 -2.29 24.47 11.49
C TYR B 92 -3.65 23.98 11.94
N SER B 93 -3.89 24.00 13.25
CA SER B 93 -5.16 23.54 13.81
C SER B 93 -6.31 24.46 13.41
N PHE B 94 -6.00 25.71 13.09
CA PHE B 94 -7.01 26.69 12.71
C PHE B 94 -7.21 26.74 11.19
N MET B 95 -6.36 26.04 10.46
CA MET B 95 -6.37 26.12 9.01
C MET B 95 -7.50 25.32 8.36
N VAL B 96 -7.85 24.19 8.96
CA VAL B 96 -8.90 23.33 8.42
C VAL B 96 -10.28 24.03 8.38
N PRO B 97 -10.67 24.72 9.46
CA PRO B 97 -11.96 25.41 9.34
C PRO B 97 -11.95 26.56 8.33
N ILE B 98 -10.76 27.02 7.93
CA ILE B 98 -10.65 28.15 7.01
C ILE B 98 -10.66 27.71 5.55
N PHE B 99 -9.86 26.72 5.22
CA PHE B 99 -9.70 26.28 3.82
C PHE B 99 -10.42 24.97 3.55
N GLY B 100 -10.96 24.34 4.59
CA GLY B 100 -11.60 23.05 4.43
C GLY B 100 -10.61 21.91 4.59
N GLY B 101 -11.11 20.76 5.03
CA GLY B 101 -10.26 19.60 5.27
C GLY B 101 -9.57 19.09 4.02
N ARG B 102 -10.28 19.10 2.90
CA ARG B 102 -9.76 18.57 1.64
C ARG B 102 -8.63 19.43 1.09
N ARG B 103 -8.86 20.73 0.98
CA ARG B 103 -7.87 21.64 0.42
C ARG B 103 -6.58 21.67 1.23
N TRP B 104 -6.71 21.77 2.55
CA TRP B 104 -5.54 21.91 3.40
C TRP B 104 -4.72 20.63 3.47
N THR B 105 -5.41 19.49 3.50
CA THR B 105 -4.74 18.19 3.51
C THR B 105 -3.90 18.02 2.25
N ALA B 106 -4.48 18.38 1.11
CA ALA B 106 -3.77 18.31 -0.16
C ALA B 106 -2.61 19.30 -0.19
N PHE B 107 -2.85 20.49 0.35
CA PHE B 107 -1.83 21.55 0.35
C PHE B 107 -0.69 21.22 1.32
N SER B 108 -1.03 20.90 2.56
CA SER B 108 -0.02 20.66 3.59
C SER B 108 0.78 19.39 3.33
N THR B 109 0.30 18.55 2.42
CA THR B 109 1.01 17.33 2.04
C THR B 109 1.93 17.61 0.86
N GLY B 110 1.43 18.36 -0.11
CA GLY B 110 2.17 18.64 -1.33
C GLY B 110 3.41 19.49 -1.14
N ILE B 111 3.38 20.38 -0.16
CA ILE B 111 4.50 21.28 0.08
C ILE B 111 5.69 20.54 0.69
N LEU B 112 5.46 19.32 1.14
CA LEU B 112 6.53 18.50 1.72
C LEU B 112 7.47 17.96 0.65
N ILE B 113 7.07 18.12 -0.61
CA ILE B 113 7.91 17.71 -1.73
C ILE B 113 9.12 18.64 -1.84
N ILE B 114 8.94 19.90 -1.46
CA ILE B 114 9.99 20.90 -1.53
C ILE B 114 11.21 20.57 -0.65
N PRO B 115 10.99 20.26 0.65
CA PRO B 115 12.19 19.91 1.40
C PRO B 115 12.76 18.54 1.03
N CYS B 116 11.90 17.62 0.60
CA CYS B 116 12.34 16.28 0.23
C CYS B 116 13.27 16.31 -0.98
N VAL B 117 12.85 17.03 -2.02
CA VAL B 117 13.64 17.17 -3.24
C VAL B 117 14.95 17.90 -2.94
N TRP B 118 14.86 18.97 -2.16
CA TRP B 118 16.04 19.77 -1.81
C TRP B 118 17.08 18.95 -1.06
N LEU B 119 16.63 18.18 -0.07
CA LEU B 119 17.54 17.36 0.72
C LEU B 119 18.23 16.30 -0.14
N GLY B 120 17.53 15.85 -1.18
CA GLY B 120 18.08 14.89 -2.11
C GLY B 120 19.25 15.45 -2.89
N PHE B 121 19.20 16.74 -3.20
CA PHE B 121 20.27 17.40 -3.94
C PHE B 121 21.38 17.89 -3.01
N ALA B 122 21.02 18.22 -1.77
CA ALA B 122 21.96 18.78 -0.81
C ALA B 122 23.01 17.75 -0.39
N VAL B 123 22.61 16.49 -0.31
CA VAL B 123 23.49 15.43 0.16
C VAL B 123 24.40 14.88 -0.94
N GLN B 124 24.27 15.44 -2.13
CA GLN B 124 25.04 14.96 -3.29
C GLN B 124 26.51 15.35 -3.21
N ASP B 125 26.78 16.55 -2.72
CA ASP B 125 28.15 17.05 -2.67
C ASP B 125 28.47 17.70 -1.32
N THR B 126 29.73 17.61 -0.90
CA THR B 126 30.14 18.09 0.41
C THR B 126 30.36 19.60 0.44
N SER B 127 30.08 20.27 -0.67
CA SER B 127 30.19 21.72 -0.73
C SER B 127 28.94 22.40 -0.16
N THR B 128 27.91 21.60 0.11
CA THR B 128 26.67 22.12 0.67
C THR B 128 26.89 22.66 2.07
N PRO B 129 26.68 23.97 2.27
CA PRO B 129 26.86 24.62 3.56
C PRO B 129 25.97 24.01 4.65
N TYR B 130 26.43 24.08 5.90
CA TYR B 130 25.64 23.57 7.01
C TYR B 130 24.35 24.37 7.18
N SER B 131 24.39 25.64 6.76
CA SER B 131 23.23 26.51 6.84
C SER B 131 22.10 25.99 5.96
N VAL B 132 22.46 25.37 4.83
CA VAL B 132 21.46 24.82 3.92
C VAL B 132 20.69 23.68 4.57
N PHE B 133 21.42 22.79 5.24
CA PHE B 133 20.80 21.70 5.97
C PHE B 133 19.89 22.21 7.08
N ILE B 134 20.26 23.35 7.66
CA ILE B 134 19.45 24.00 8.69
C ILE B 134 18.09 24.44 8.12
N ILE B 135 18.13 25.06 6.93
CA ILE B 135 16.92 25.49 6.25
C ILE B 135 16.01 24.28 5.95
N ILE B 136 16.60 23.24 5.36
CA ILE B 136 15.85 22.04 5.00
C ILE B 136 15.28 21.37 6.26
N SER B 137 16.07 21.38 7.33
CA SER B 137 15.65 20.77 8.59
C SER B 137 14.40 21.43 9.14
N LEU B 138 14.35 22.76 9.05
CA LEU B 138 13.19 23.51 9.54
C LEU B 138 11.99 23.31 8.62
N LEU B 139 12.26 23.09 7.33
CA LEU B 139 11.19 22.87 6.37
C LEU B 139 10.55 21.50 6.56
N CYS B 140 11.34 20.54 7.05
CA CYS B 140 10.82 19.21 7.35
C CYS B 140 9.91 19.27 8.58
N GLY B 141 10.06 20.33 9.36
CA GLY B 141 9.23 20.55 10.53
C GLY B 141 7.79 20.89 10.18
N PHE B 142 7.58 21.41 8.98
CA PHE B 142 6.24 21.72 8.49
C PHE B 142 5.39 20.45 8.47
N ALA B 143 6.04 19.32 8.22
CA ALA B 143 5.38 18.03 8.18
C ALA B 143 4.84 17.64 9.55
N GLY B 144 5.56 18.04 10.60
CA GLY B 144 5.16 17.73 11.96
C GLY B 144 3.91 18.47 12.40
N ALA B 145 3.61 19.56 11.70
CA ALA B 145 2.44 20.38 12.01
C ALA B 145 1.18 19.77 11.42
N ASN B 146 1.35 18.83 10.50
CA ASN B 146 0.21 18.18 9.86
C ASN B 146 -0.66 17.41 10.85
N PHE B 147 -0.08 17.00 11.96
CA PHE B 147 -0.81 16.29 13.01
C PHE B 147 -1.99 17.11 13.51
N ALA B 148 -1.70 18.35 13.90
CA ALA B 148 -2.72 19.24 14.45
C ALA B 148 -3.86 19.48 13.47
N SER B 149 -3.54 19.65 12.21
CA SER B 149 -4.54 19.90 11.18
C SER B 149 -5.31 18.62 10.84
N SER B 150 -4.60 17.51 10.74
CA SER B 150 -5.22 16.23 10.40
C SER B 150 -6.21 15.79 11.47
N MET B 151 -5.80 15.88 12.73
CA MET B 151 -6.63 15.46 13.85
C MET B 151 -7.83 16.39 14.00
N ALA B 152 -7.63 17.68 13.72
CA ALA B 152 -8.71 18.65 13.78
C ALA B 152 -9.78 18.31 12.75
N ASN B 153 -9.34 17.91 11.57
CA ASN B 153 -10.24 17.54 10.48
C ASN B 153 -11.10 16.33 10.83
N ILE B 154 -10.47 15.33 11.45
CA ILE B 154 -11.16 14.09 11.83
C ILE B 154 -12.24 14.37 12.87
N SER B 155 -11.99 15.36 13.73
CA SER B 155 -12.94 15.73 14.78
C SER B 155 -14.31 16.10 14.22
N PHE B 156 -14.31 16.81 13.09
CA PHE B 156 -15.56 17.25 12.48
C PHE B 156 -16.21 16.17 11.65
N PHE B 157 -15.41 15.20 11.18
CA PHE B 157 -15.93 14.10 10.38
C PHE B 157 -16.45 12.96 11.26
N PHE B 158 -15.96 12.90 12.49
CA PHE B 158 -16.45 11.93 13.46
C PHE B 158 -16.85 12.62 14.77
N PRO B 159 -17.96 13.36 14.76
CA PRO B 159 -18.35 14.18 15.90
C PRO B 159 -19.24 13.46 16.92
N LYS B 160 -19.83 12.34 16.53
CA LYS B 160 -20.77 11.63 17.39
C LYS B 160 -20.07 11.08 18.63
N GLN B 161 -20.85 10.81 19.68
CA GLN B 161 -20.32 10.45 20.99
C GLN B 161 -19.53 9.14 20.99
N LYS B 162 -20.08 8.12 20.35
CA LYS B 162 -19.51 6.78 20.41
C LYS B 162 -18.26 6.60 19.55
N GLN B 163 -18.08 7.49 18.57
CA GLN B 163 -17.00 7.32 17.60
C GLN B 163 -15.77 8.17 17.92
N GLY B 164 -15.27 8.06 19.13
CA GLY B 164 -14.05 8.75 19.52
C GLY B 164 -12.81 7.97 19.12
N GLY B 165 -13.03 6.76 18.61
CA GLY B 165 -11.92 5.87 18.27
C GLY B 165 -11.26 6.21 16.94
N ALA B 166 -11.98 6.91 16.07
CA ALA B 166 -11.44 7.30 14.77
C ALA B 166 -10.29 8.28 14.93
N LEU B 167 -10.32 9.03 16.03
CA LEU B 167 -9.29 10.02 16.31
C LEU B 167 -7.96 9.35 16.61
N GLY B 168 -7.96 8.43 17.57
CA GLY B 168 -6.76 7.70 17.93
C GLY B 168 -6.22 6.85 16.80
N LEU B 169 -7.11 6.35 15.96
CA LEU B 169 -6.73 5.53 14.81
C LEU B 169 -5.96 6.36 13.79
N ASN B 170 -6.42 7.59 13.57
CA ASN B 170 -5.78 8.49 12.64
C ASN B 170 -4.40 8.93 13.12
N GLY B 171 -4.30 9.20 14.43
CA GLY B 171 -3.04 9.61 15.02
C GLY B 171 -2.10 8.44 15.25
N GLY B 172 -2.65 7.30 15.65
CA GLY B 172 -1.86 6.12 15.91
C GLY B 172 -1.16 5.59 14.67
N LEU B 173 -1.92 5.49 13.57
CA LEU B 173 -1.35 5.05 12.30
C LEU B 173 -0.45 6.14 11.71
N GLY B 174 -0.69 7.38 12.12
CA GLY B 174 0.16 8.49 11.71
C GLY B 174 1.56 8.37 12.28
N ASN B 175 1.65 8.02 13.57
CA ASN B 175 2.93 7.87 14.24
C ASN B 175 3.77 6.73 13.66
N MET B 176 3.12 5.84 12.91
CA MET B 176 3.81 4.73 12.27
C MET B 176 4.78 5.21 11.20
N GLY B 177 4.56 6.43 10.71
CA GLY B 177 5.41 7.01 9.67
C GLY B 177 6.87 7.13 10.06
N VAL B 178 7.12 7.27 11.36
CA VAL B 178 8.48 7.39 11.87
C VAL B 178 9.25 6.08 11.67
N SER B 179 8.62 4.96 12.00
CA SER B 179 9.25 3.65 11.87
C SER B 179 9.32 3.21 10.42
N VAL B 180 8.30 3.58 9.64
CA VAL B 180 8.25 3.24 8.22
C VAL B 180 9.41 3.91 7.48
N MET B 181 9.62 5.19 7.77
CA MET B 181 10.69 5.94 7.14
C MET B 181 12.07 5.43 7.59
N GLN B 182 12.21 5.16 8.88
CA GLN B 182 13.47 4.67 9.42
C GLN B 182 13.78 3.26 8.94
N LEU B 183 12.79 2.61 8.33
CA LEU B 183 12.99 1.28 7.75
C LEU B 183 13.31 1.38 6.27
N VAL B 184 12.52 2.16 5.54
CA VAL B 184 12.66 2.30 4.09
C VAL B 184 13.94 3.03 3.69
N ALA B 185 14.22 4.14 4.37
CA ALA B 185 15.35 5.01 4.01
C ALA B 185 16.71 4.30 3.98
N PRO B 186 17.04 3.51 5.02
CA PRO B 186 18.35 2.85 4.93
C PRO B 186 18.40 1.75 3.86
N LEU B 187 17.23 1.33 3.39
CA LEU B 187 17.17 0.27 2.38
C LEU B 187 17.34 0.83 0.97
N VAL B 188 16.76 1.99 0.71
CA VAL B 188 16.77 2.58 -0.63
C VAL B 188 18.09 3.27 -0.97
N VAL B 189 18.88 3.61 0.04
CA VAL B 189 20.14 4.30 -0.18
C VAL B 189 21.23 3.35 -0.65
N SER B 190 20.96 2.04 -0.55
CA SER B 190 21.92 1.04 -1.00
C SER B 190 21.69 0.66 -2.47
N LEU B 191 20.66 1.24 -3.07
CA LEU B 191 20.32 0.93 -4.46
C LEU B 191 20.43 2.15 -5.36
N SER B 192 20.84 1.92 -6.61
CA SER B 192 20.95 2.98 -7.59
C SER B 192 19.59 3.31 -8.19
N ILE B 193 18.89 4.26 -7.57
CA ILE B 193 17.63 4.75 -8.10
C ILE B 193 17.79 6.25 -8.38
N PHE B 194 16.98 6.76 -9.30
CA PHE B 194 16.99 8.18 -9.68
C PHE B 194 18.33 8.59 -10.29
N ALA B 195 18.94 7.69 -11.04
CA ALA B 195 20.18 8.01 -11.76
C ALA B 195 19.88 9.01 -12.87
N VAL B 196 18.64 8.97 -13.37
CA VAL B 196 18.17 9.92 -14.37
C VAL B 196 18.21 11.35 -13.82
N PHE B 197 17.86 11.49 -12.55
CA PHE B 197 17.81 12.80 -11.92
C PHE B 197 19.18 13.22 -11.38
N GLY B 198 20.20 12.42 -11.66
CA GLY B 198 21.57 12.80 -11.37
C GLY B 198 22.07 12.39 -10.00
N SER B 199 21.40 11.43 -9.36
CA SER B 199 21.87 10.93 -8.08
C SER B 199 23.15 10.12 -8.25
N GLN B 200 24.18 10.48 -7.48
CA GLN B 200 25.45 9.80 -7.57
C GLN B 200 25.68 8.93 -6.33
N GLY B 201 26.31 7.78 -6.55
CA GLY B 201 26.62 6.88 -5.44
C GLY B 201 27.97 7.17 -4.82
N VAL B 202 28.05 6.94 -3.50
CA VAL B 202 29.30 7.13 -2.78
C VAL B 202 29.81 5.79 -2.28
N LYS B 203 30.95 5.36 -2.80
CA LYS B 203 31.49 4.04 -2.46
C LYS B 203 31.93 3.97 -0.99
N GLN B 204 31.46 2.92 -0.31
CA GLN B 204 31.72 2.75 1.11
C GLN B 204 32.87 1.77 1.35
N PRO B 205 33.51 1.85 2.53
CA PRO B 205 34.63 0.95 2.88
C PRO B 205 34.29 -0.53 2.72
N ASP B 206 33.02 -0.90 2.90
CA ASP B 206 32.62 -2.29 2.78
C ASP B 206 32.37 -2.69 1.32
N GLY B 207 32.54 -1.74 0.42
CA GLY B 207 32.36 -1.99 -1.00
C GLY B 207 31.01 -1.57 -1.54
N THR B 208 30.02 -1.52 -0.66
CA THR B 208 28.66 -1.14 -1.06
C THR B 208 28.61 0.33 -1.45
N GLU B 209 27.64 0.67 -2.30
CA GLU B 209 27.44 2.05 -2.72
C GLU B 209 26.40 2.73 -1.85
N LEU B 210 26.49 4.05 -1.74
CA LEU B 210 25.55 4.80 -0.91
C LEU B 210 24.90 5.92 -1.72
N TYR B 211 23.59 5.79 -1.94
CA TYR B 211 22.82 6.80 -2.65
C TYR B 211 21.91 7.53 -1.67
N LEU B 212 22.49 8.48 -0.95
CA LEU B 212 21.80 9.16 0.14
C LEU B 212 20.61 9.99 -0.33
N ALA B 213 20.61 10.36 -1.62
CA ALA B 213 19.53 11.14 -2.19
C ALA B 213 18.22 10.36 -2.14
N ASN B 214 18.32 9.04 -2.16
CA ASN B 214 17.16 8.16 -2.12
C ASN B 214 16.35 8.28 -0.83
N ALA B 215 17.02 8.70 0.24
CA ALA B 215 16.40 8.78 1.56
C ALA B 215 15.22 9.76 1.59
N SER B 216 15.31 10.81 0.80
CA SER B 216 14.27 11.84 0.78
C SER B 216 13.47 11.82 -0.53
N TRP B 217 14.13 11.44 -1.63
CA TRP B 217 13.48 11.42 -2.93
C TRP B 217 12.45 10.29 -3.07
N ILE B 218 12.59 9.26 -2.24
CA ILE B 218 11.71 8.10 -2.34
C ILE B 218 10.28 8.44 -1.91
N TRP B 219 10.14 9.53 -1.15
CA TRP B 219 8.83 9.91 -0.64
C TRP B 219 8.09 10.84 -1.60
N VAL B 220 8.83 11.46 -2.51
CA VAL B 220 8.25 12.39 -3.47
C VAL B 220 7.11 11.78 -4.32
N PRO B 221 7.31 10.56 -4.88
CA PRO B 221 6.18 10.04 -5.64
C PRO B 221 4.96 9.71 -4.78
N PHE B 222 5.20 9.25 -3.56
CA PHE B 222 4.11 8.92 -2.64
C PHE B 222 3.38 10.18 -2.19
N LEU B 223 4.14 11.24 -1.93
CA LEU B 223 3.56 12.51 -1.54
C LEU B 223 2.66 13.07 -2.64
N ALA B 224 3.12 12.94 -3.88
CA ALA B 224 2.36 13.43 -5.03
C ALA B 224 1.07 12.65 -5.22
N ILE B 225 1.16 11.32 -5.13
CA ILE B 225 0.00 10.46 -5.30
C ILE B 225 -1.11 10.77 -4.29
N PHE B 226 -0.74 10.88 -3.02
CA PHE B 226 -1.72 11.10 -1.96
C PHE B 226 -2.11 12.57 -1.83
N THR B 227 -1.36 13.45 -2.49
CA THR B 227 -1.77 14.84 -2.61
C THR B 227 -2.93 14.92 -3.59
N ILE B 228 -2.81 14.17 -4.69
CA ILE B 228 -3.86 14.06 -5.69
C ILE B 228 -5.07 13.33 -5.11
N ALA B 229 -4.80 12.27 -4.37
CA ALA B 229 -5.83 11.47 -3.74
C ALA B 229 -6.62 12.28 -2.72
N ALA B 230 -5.93 13.17 -2.01
CA ALA B 230 -6.57 14.02 -1.02
C ALA B 230 -7.43 15.08 -1.69
N TRP B 231 -6.92 15.66 -2.77
CA TRP B 231 -7.62 16.74 -3.45
C TRP B 231 -8.87 16.26 -4.18
N PHE B 232 -8.86 15.04 -4.67
CA PHE B 232 -9.97 14.52 -5.45
C PHE B 232 -10.84 13.53 -4.66
N GLY B 233 -10.35 13.10 -3.51
CA GLY B 233 -11.04 12.07 -2.74
C GLY B 233 -11.67 12.54 -1.44
N MET B 234 -11.12 13.60 -0.85
CA MET B 234 -11.60 14.06 0.45
C MET B 234 -12.67 15.14 0.28
N ASN B 235 -13.14 15.68 1.40
CA ASN B 235 -14.23 16.66 1.37
C ASN B 235 -13.97 17.89 2.24
N ASP B 236 -14.67 18.97 1.92
CA ASP B 236 -14.66 20.19 2.73
C ASP B 236 -16.02 20.38 3.40
N LEU B 237 -16.02 20.69 4.69
CA LEU B 237 -17.27 20.87 5.43
C LEU B 237 -17.64 22.34 5.59
N ALA B 238 -18.94 22.60 5.73
CA ALA B 238 -19.43 23.97 5.93
C ALA B 238 -19.47 24.33 7.41
N ARG B 253 -8.55 25.69 31.43
CA ARG B 253 -7.21 26.24 31.37
C ARG B 253 -6.25 25.43 32.23
N GLY B 254 -6.72 25.03 33.41
CA GLY B 254 -5.91 24.24 34.31
C GLY B 254 -5.66 22.85 33.76
N HIS B 255 -6.68 22.28 33.15
CA HIS B 255 -6.56 20.96 32.54
C HIS B 255 -5.72 21.01 31.27
N LEU B 256 -5.68 22.16 30.62
CA LEU B 256 -4.95 22.32 29.37
C LEU B 256 -3.45 22.19 29.55
N TRP B 257 -2.95 22.68 30.69
CA TRP B 257 -1.51 22.70 30.94
C TRP B 257 -0.99 21.38 31.48
N ILE B 258 -1.77 20.71 32.33
CA ILE B 258 -1.35 19.42 32.87
C ILE B 258 -1.30 18.38 31.76
N MET B 259 -2.20 18.48 30.79
CA MET B 259 -2.18 17.59 29.64
C MET B 259 -1.02 17.91 28.72
N SER B 260 -0.62 19.19 28.68
CA SER B 260 0.53 19.61 27.89
C SER B 260 1.82 19.01 28.44
N LEU B 261 2.00 19.09 29.76
CA LEU B 261 3.16 18.49 30.42
C LEU B 261 3.16 16.98 30.21
N LEU B 262 1.99 16.38 30.33
CA LEU B 262 1.83 14.94 30.14
C LEU B 262 2.24 14.50 28.74
N TYR B 263 1.81 15.26 27.73
CA TYR B 263 2.09 14.92 26.35
C TYR B 263 3.57 15.20 26.02
N LEU B 264 4.12 16.21 26.66
CA LEU B 264 5.53 16.54 26.51
C LEU B 264 6.40 15.43 27.09
N ALA B 265 5.98 14.91 28.24
CA ALA B 265 6.75 13.88 28.93
C ALA B 265 6.58 12.50 28.28
N THR B 266 5.51 12.33 27.51
CA THR B 266 5.22 11.03 26.89
C THR B 266 5.53 11.05 25.39
N PHE B 267 4.72 11.78 24.62
CA PHE B 267 4.94 11.86 23.18
C PHE B 267 6.25 12.56 22.86
N GLY B 268 6.55 13.61 23.62
CA GLY B 268 7.78 14.37 23.42
C GLY B 268 9.00 13.49 23.61
N SER B 269 8.90 12.55 24.53
CA SER B 269 9.97 11.58 24.74
C SER B 269 10.04 10.62 23.56
N PHE B 270 8.89 10.15 23.11
CA PHE B 270 8.81 9.24 21.97
C PHE B 270 9.43 9.85 20.71
N ILE B 271 9.03 11.07 20.39
CA ILE B 271 9.47 11.72 19.17
C ILE B 271 10.90 12.26 19.34
N GLY B 272 11.30 12.55 20.57
CA GLY B 272 12.64 12.98 20.86
C GLY B 272 13.63 11.85 20.75
N PHE B 273 13.25 10.69 21.26
CA PHE B 273 14.07 9.49 21.13
C PHE B 273 14.12 9.04 19.68
N SER B 274 13.01 9.18 18.97
CA SER B 274 12.94 8.79 17.56
C SER B 274 13.91 9.60 16.71
N ALA B 275 14.18 10.83 17.13
CA ALA B 275 15.00 11.74 16.35
C ALA B 275 16.49 11.54 16.60
N GLY B 276 16.86 11.27 17.84
CA GLY B 276 18.27 11.24 18.21
C GLY B 276 18.84 9.89 18.64
N PHE B 277 18.04 8.83 18.55
CA PHE B 277 18.52 7.52 18.98
C PHE B 277 19.62 6.98 18.07
N ALA B 278 19.42 7.08 16.76
CA ALA B 278 20.39 6.57 15.79
C ALA B 278 21.73 7.27 15.92
N MET B 279 21.69 8.59 16.09
CA MET B 279 22.91 9.39 16.27
C MET B 279 23.63 9.03 17.56
N LEU B 280 22.87 8.88 18.64
CA LEU B 280 23.44 8.54 19.94
C LEU B 280 24.11 7.17 19.93
N SER B 281 23.43 6.21 19.31
CA SER B 281 23.95 4.84 19.23
C SER B 281 25.22 4.78 18.39
N LYS B 282 25.33 5.72 17.45
CA LYS B 282 26.49 5.79 16.57
C LYS B 282 27.72 6.31 17.32
N THR B 283 27.49 7.20 18.28
CA THR B 283 28.58 7.78 19.05
C THR B 283 29.03 6.85 20.16
N GLN B 284 28.10 6.06 20.68
CA GLN B 284 28.41 5.15 21.78
C GLN B 284 28.92 3.81 21.26
N PHE B 285 28.31 3.31 20.19
CA PHE B 285 28.71 2.03 19.61
C PHE B 285 29.00 2.15 18.11
N PRO B 286 30.18 2.68 17.75
CA PRO B 286 30.60 2.70 16.35
C PRO B 286 30.77 1.29 15.80
N ASP B 287 30.84 1.16 14.48
CA ASP B 287 30.94 -0.14 13.81
C ASP B 287 29.69 -0.99 14.04
N VAL B 288 28.64 -0.37 14.56
CA VAL B 288 27.33 -1.00 14.66
C VAL B 288 26.34 -0.24 13.78
N GLN B 289 25.96 -0.85 12.66
CA GLN B 289 25.02 -0.20 11.75
C GLN B 289 23.64 -0.12 12.40
N ILE B 290 23.41 0.99 13.10
CA ILE B 290 22.21 1.15 13.92
C ILE B 290 20.93 1.25 13.07
N LEU B 291 21.07 1.76 11.85
CA LEU B 291 19.90 1.96 10.97
C LEU B 291 19.32 0.63 10.48
N GLN B 292 19.94 -0.48 10.88
CA GLN B 292 19.39 -1.80 10.59
C GLN B 292 18.39 -2.21 11.67
N TYR B 293 18.42 -1.52 12.80
CA TYR B 293 17.57 -1.88 13.93
C TYR B 293 16.84 -0.68 14.53
N ALA B 294 17.26 0.53 14.14
CA ALA B 294 16.74 1.77 14.72
C ALA B 294 15.24 1.95 14.54
N PHE B 295 14.71 1.47 13.42
CA PHE B 295 13.31 1.65 13.09
C PHE B 295 12.39 0.93 14.08
N PHE B 296 12.90 -0.15 14.67
CA PHE B 296 12.10 -0.99 15.55
C PHE B 296 11.70 -0.26 16.83
N GLY B 297 12.47 0.76 17.19
CA GLY B 297 12.17 1.57 18.36
C GLY B 297 10.83 2.28 18.27
N PRO B 298 10.72 3.26 17.35
CA PRO B 298 9.46 3.96 17.10
C PRO B 298 8.32 3.05 16.66
N PHE B 299 8.65 1.84 16.21
CA PHE B 299 7.64 0.89 15.77
C PHE B 299 6.82 0.34 16.93
N ILE B 300 7.51 -0.19 17.94
CA ILE B 300 6.83 -0.75 19.10
C ILE B 300 6.22 0.34 19.96
N GLY B 301 6.79 1.55 19.86
CA GLY B 301 6.25 2.69 20.58
C GLY B 301 4.91 3.13 20.01
N ALA B 302 4.81 3.07 18.68
CA ALA B 302 3.57 3.40 17.99
C ALA B 302 2.51 2.35 18.27
N LEU B 303 2.93 1.10 18.40
CA LEU B 303 2.01 0.01 18.71
C LEU B 303 1.56 0.07 20.16
N ALA B 304 2.48 0.48 21.04
CA ALA B 304 2.16 0.63 22.46
C ALA B 304 1.21 1.81 22.68
N ARG B 305 1.24 2.76 21.75
CA ARG B 305 0.36 3.93 21.81
C ARG B 305 -1.09 3.50 21.65
N SER B 306 -1.31 2.47 20.85
CA SER B 306 -2.64 1.91 20.66
C SER B 306 -3.15 1.27 21.94
N ALA B 307 -2.27 0.54 22.62
CA ALA B 307 -2.63 -0.13 23.86
C ALA B 307 -2.79 0.86 25.02
N GLY B 308 -2.10 1.99 24.92
CA GLY B 308 -2.12 2.99 25.97
C GLY B 308 -3.51 3.56 26.24
N GLY B 309 -4.25 3.82 25.18
CA GLY B 309 -5.60 4.36 25.31
C GLY B 309 -6.54 3.38 25.99
N ALA B 310 -6.50 2.12 25.56
CA ALA B 310 -7.35 1.09 26.13
C ALA B 310 -6.96 0.80 27.57
N LEU B 311 -5.66 0.88 27.85
CA LEU B 311 -5.14 0.66 29.19
C LEU B 311 -5.56 1.80 30.12
N SER B 312 -5.52 3.03 29.61
CA SER B 312 -5.90 4.19 30.40
C SER B 312 -7.42 4.26 30.59
N ASP B 313 -8.15 3.71 29.62
CA ASP B 313 -9.60 3.71 29.67
C ASP B 313 -10.12 2.77 30.75
N ARG B 314 -9.39 1.68 30.97
CA ARG B 314 -9.80 0.66 31.93
C ARG B 314 -9.25 0.94 33.33
N LEU B 315 -7.94 0.99 33.44
CA LEU B 315 -7.28 1.15 34.73
C LEU B 315 -7.38 2.57 35.27
N GLY B 316 -7.71 3.51 34.39
CA GLY B 316 -7.76 4.91 34.77
C GLY B 316 -6.47 5.63 34.44
N GLY B 317 -6.59 6.89 34.05
CA GLY B 317 -5.44 7.67 33.63
C GLY B 317 -4.39 7.86 34.72
N THR B 318 -4.85 8.02 35.95
CA THR B 318 -3.96 8.26 37.08
C THR B 318 -3.06 7.06 37.35
N ARG B 319 -3.66 5.87 37.33
CA ARG B 319 -2.94 4.63 37.56
C ARG B 319 -1.84 4.39 36.53
N VAL B 320 -2.22 4.42 35.25
CA VAL B 320 -1.30 4.07 34.17
C VAL B 320 -0.22 5.13 33.96
N THR B 321 -0.54 6.40 34.21
CA THR B 321 0.42 7.48 34.06
C THR B 321 1.53 7.39 35.10
N LEU B 322 1.13 7.18 36.35
CA LEU B 322 2.08 7.10 37.46
C LEU B 322 3.05 5.94 37.26
N VAL B 323 2.50 4.77 36.94
CA VAL B 323 3.30 3.57 36.72
C VAL B 323 4.25 3.75 35.53
N ASN B 324 3.74 4.35 34.46
CA ASN B 324 4.53 4.57 33.26
C ASN B 324 5.70 5.53 33.52
N PHE B 325 5.41 6.63 34.22
CA PHE B 325 6.44 7.60 34.56
C PHE B 325 7.49 7.00 35.48
N ILE B 326 7.07 6.06 36.33
CA ILE B 326 7.99 5.33 37.19
C ILE B 326 8.87 4.42 36.34
N LEU B 327 8.25 3.72 35.38
CA LEU B 327 8.96 2.83 34.49
C LEU B 327 9.99 3.58 33.63
N MET B 328 9.60 4.75 33.12
CA MET B 328 10.49 5.55 32.29
C MET B 328 11.70 6.02 33.09
N ALA B 329 11.48 6.37 34.36
CA ALA B 329 12.57 6.81 35.22
C ALA B 329 13.54 5.66 35.49
N ILE B 330 13.01 4.48 35.77
CA ILE B 330 13.83 3.30 35.98
C ILE B 330 14.68 2.97 34.76
N PHE B 331 14.04 2.94 33.59
CA PHE B 331 14.75 2.66 32.35
C PHE B 331 15.75 3.76 32.01
N SER B 332 15.43 4.98 32.41
CA SER B 332 16.34 6.11 32.19
C SER B 332 17.61 5.94 33.03
N GLY B 333 17.45 5.36 34.22
CA GLY B 333 18.58 5.13 35.11
C GLY B 333 19.34 3.87 34.74
N LEU B 334 18.65 2.90 34.14
CA LEU B 334 19.29 1.67 33.71
C LEU B 334 20.14 1.88 32.46
N LEU B 335 19.90 2.98 31.77
CA LEU B 335 20.61 3.29 30.54
C LEU B 335 22.08 3.62 30.81
N PHE B 336 22.36 4.10 32.01
CA PHE B 336 23.73 4.42 32.41
C PHE B 336 24.60 3.17 32.43
N LEU B 337 24.01 2.06 32.84
CA LEU B 337 24.73 0.79 33.02
C LEU B 337 25.12 0.15 31.69
N THR B 338 24.59 0.69 30.59
CA THR B 338 24.80 0.11 29.27
C THR B 338 25.93 0.79 28.51
N LEU B 339 26.21 2.04 28.87
CA LEU B 339 27.21 2.83 28.16
C LEU B 339 28.63 2.29 28.37
N PRO B 340 29.46 2.37 27.33
CA PRO B 340 30.87 1.95 27.43
C PRO B 340 31.70 2.90 28.28
N GLN B 344 35.05 1.86 28.83
CA GLN B 344 34.96 1.90 27.38
C GLN B 344 34.62 0.52 26.82
N GLY B 345 33.65 -0.13 27.45
CA GLY B 345 33.18 -1.44 27.01
C GLY B 345 31.69 -1.44 26.74
N GLY B 346 30.89 -1.56 27.81
CA GLY B 346 29.44 -1.51 27.69
C GLY B 346 28.85 -2.69 26.95
N SER B 347 27.56 -2.59 26.65
CA SER B 347 26.84 -3.66 25.93
C SER B 347 25.74 -3.07 25.04
N PHE B 348 25.86 -3.31 23.73
CA PHE B 348 24.89 -2.79 22.79
C PHE B 348 23.56 -3.51 22.94
N MET B 349 23.62 -4.77 23.34
CA MET B 349 22.42 -5.56 23.60
C MET B 349 21.60 -4.92 24.72
N ALA B 350 22.28 -4.58 25.82
CA ALA B 350 21.64 -3.90 26.94
C ALA B 350 21.23 -2.48 26.55
N PHE B 351 22.05 -1.82 25.75
CA PHE B 351 21.78 -0.46 25.31
C PHE B 351 20.54 -0.37 24.44
N PHE B 352 20.41 -1.30 23.50
CA PHE B 352 19.28 -1.30 22.57
C PHE B 352 17.99 -1.75 23.25
N ALA B 353 18.10 -2.72 24.14
CA ALA B 353 16.94 -3.26 24.84
C ALA B 353 16.32 -2.21 25.77
N VAL B 354 17.16 -1.49 26.50
CA VAL B 354 16.69 -0.46 27.42
C VAL B 354 15.99 0.65 26.66
N PHE B 355 16.56 1.04 25.51
CA PHE B 355 15.94 2.07 24.68
C PHE B 355 14.61 1.61 24.10
N LEU B 356 14.53 0.32 23.75
CA LEU B 356 13.27 -0.26 23.29
C LEU B 356 12.22 -0.15 24.39
N ALA B 357 12.66 -0.33 25.63
CA ALA B 357 11.77 -0.18 26.78
C ALA B 357 11.35 1.27 26.92
N LEU B 358 12.27 2.20 26.64
CA LEU B 358 11.97 3.61 26.66
C LEU B 358 10.97 3.99 25.59
N PHE B 359 11.13 3.41 24.40
CA PHE B 359 10.20 3.64 23.29
C PHE B 359 8.82 3.08 23.60
N LEU B 360 8.80 1.91 24.23
CA LEU B 360 7.55 1.23 24.54
C LEU B 360 6.74 1.99 25.59
N THR B 361 7.44 2.49 26.61
CA THR B 361 6.76 3.21 27.69
C THR B 361 6.36 4.62 27.26
N ALA B 362 7.21 5.28 26.48
CA ALA B 362 6.90 6.62 25.99
C ALA B 362 5.69 6.58 25.06
N GLY B 363 5.63 5.54 24.23
CA GLY B 363 4.50 5.35 23.34
C GLY B 363 3.23 5.02 24.11
N LEU B 364 3.37 4.12 25.08
CA LEU B 364 2.24 3.71 25.93
C LEU B 364 1.65 4.90 26.66
N GLY B 365 2.52 5.76 27.20
CA GLY B 365 2.09 6.96 27.89
C GLY B 365 1.46 7.96 26.95
N SER B 366 1.88 7.94 25.69
CA SER B 366 1.32 8.84 24.68
C SER B 366 -0.15 8.52 24.40
N GLY B 367 -0.45 7.23 24.24
CA GLY B 367 -1.79 6.79 23.97
C GLY B 367 -2.68 6.98 25.18
N SER B 368 -2.08 6.82 26.36
CA SER B 368 -2.78 7.04 27.61
C SER B 368 -3.12 8.51 27.79
N THR B 369 -2.15 9.37 27.49
CA THR B 369 -2.34 10.82 27.60
C THR B 369 -3.41 11.30 26.63
N PHE B 370 -3.33 10.82 25.39
CA PHE B 370 -4.28 11.22 24.36
C PHE B 370 -5.70 10.77 24.70
N GLN B 371 -5.81 9.61 25.35
CA GLN B 371 -7.11 9.09 25.75
C GLN B 371 -7.77 10.04 26.73
N MET B 372 -6.96 10.67 27.57
CA MET B 372 -7.44 11.63 28.55
C MET B 372 -7.85 12.94 27.89
N ILE B 373 -7.12 13.33 26.85
CA ILE B 373 -7.46 14.53 26.08
C ILE B 373 -8.86 14.38 25.48
N SER B 374 -9.17 13.17 25.03
CA SER B 374 -10.45 12.89 24.41
C SER B 374 -11.57 12.90 25.45
N VAL B 375 -11.28 12.38 26.64
CA VAL B 375 -12.25 12.35 27.72
C VAL B 375 -12.56 13.76 28.23
N ILE B 376 -11.51 14.55 28.45
CA ILE B 376 -11.67 15.88 29.02
C ILE B 376 -12.30 16.88 28.06
N PHE B 377 -11.82 16.92 26.82
CA PHE B 377 -12.19 17.98 25.90
C PHE B 377 -13.25 17.58 24.85
N ARG B 378 -13.46 16.29 24.67
CA ARG B 378 -14.44 15.83 23.69
C ARG B 378 -15.65 15.19 24.37
N LYS B 379 -15.39 14.15 25.16
CA LYS B 379 -16.47 13.40 25.80
C LYS B 379 -17.17 14.22 26.87
N LEU B 380 -16.39 14.86 27.74
CA LEU B 380 -16.94 15.64 28.84
C LEU B 380 -17.62 16.91 28.34
N THR B 381 -17.03 17.53 27.33
CA THR B 381 -17.59 18.74 26.72
C THR B 381 -18.97 18.45 26.14
N MET B 382 -19.09 17.30 25.49
CA MET B 382 -20.35 16.88 24.90
C MET B 382 -21.42 16.66 25.97
N ASP B 383 -21.01 16.16 27.13
CA ASP B 383 -21.93 15.87 28.22
C ASP B 383 -22.53 17.15 28.81
N ARG B 384 -21.66 18.14 29.07
CA ARG B 384 -22.09 19.37 29.73
C ARG B 384 -23.10 20.13 28.88
N VAL B 385 -22.98 20.03 27.57
CA VAL B 385 -23.94 20.68 26.68
C VAL B 385 -25.32 20.05 26.84
N LYS B 386 -25.36 18.72 26.81
CA LYS B 386 -26.62 18.00 26.93
C LYS B 386 -27.15 18.06 28.36
N ALA B 387 -26.25 18.22 29.32
CA ALA B 387 -26.64 18.37 30.71
C ALA B 387 -27.31 19.71 30.95
N GLU B 388 -27.06 20.67 30.06
CA GLU B 388 -27.68 21.98 30.15
C GLU B 388 -28.88 22.08 29.22
N GLY B 389 -29.28 20.93 28.68
CA GLY B 389 -30.45 20.86 27.82
C GLY B 389 -30.17 21.18 26.37
N GLY B 390 -28.90 21.18 26.01
CA GLY B 390 -28.49 21.49 24.65
C GLY B 390 -28.77 20.37 23.67
N SER B 391 -28.97 20.71 22.40
CA SER B 391 -29.26 19.72 21.38
C SER B 391 -28.05 18.84 21.09
N ASP B 392 -28.30 17.71 20.43
CA ASP B 392 -27.23 16.78 20.08
C ASP B 392 -26.29 17.42 19.07
N GLU B 393 -26.84 18.30 18.24
CA GLU B 393 -26.05 19.01 17.23
C GLU B 393 -25.08 19.99 17.88
N ARG B 394 -25.57 20.74 18.87
CA ARG B 394 -24.73 21.71 19.57
C ARG B 394 -23.67 20.99 20.40
N ALA B 395 -24.02 19.84 20.94
CA ALA B 395 -23.11 19.05 21.74
C ALA B 395 -21.91 18.59 20.92
N MET B 396 -22.19 18.04 19.74
CA MET B 396 -21.13 17.54 18.85
C MET B 396 -20.33 18.69 18.26
N ARG B 397 -21.00 19.80 17.97
CA ARG B 397 -20.34 20.95 17.36
C ARG B 397 -19.27 21.54 18.27
N GLU B 398 -19.66 21.83 19.50
CA GLU B 398 -18.75 22.46 20.46
C GLU B 398 -17.65 21.50 20.90
N ALA B 399 -17.98 20.22 20.99
CA ALA B 399 -17.01 19.21 21.40
C ALA B 399 -15.93 19.03 20.34
N ALA B 400 -16.32 19.16 19.08
CA ALA B 400 -15.39 18.97 17.97
C ALA B 400 -14.37 20.10 17.91
N THR B 401 -14.83 21.33 18.08
CA THR B 401 -13.95 22.49 18.03
C THR B 401 -13.07 22.58 19.25
N ASP B 402 -13.63 22.25 20.41
CA ASP B 402 -12.87 22.25 21.66
C ASP B 402 -11.74 21.24 21.63
N THR B 403 -12.02 20.08 21.04
CA THR B 403 -11.01 19.03 20.93
C THR B 403 -9.89 19.44 19.98
N ALA B 404 -10.28 20.01 18.85
CA ALA B 404 -9.32 20.45 17.84
C ALA B 404 -8.43 21.57 18.36
N ALA B 405 -9.03 22.52 19.07
CA ALA B 405 -8.29 23.66 19.62
C ALA B 405 -7.32 23.21 20.72
N ALA B 406 -7.81 22.36 21.62
CA ALA B 406 -7.01 21.88 22.74
C ALA B 406 -5.86 21.01 22.26
N LEU B 407 -6.17 20.08 21.36
CA LEU B 407 -5.17 19.14 20.85
C LEU B 407 -4.08 19.86 20.07
N GLY B 408 -4.45 20.94 19.38
CA GLY B 408 -3.48 21.73 18.64
C GLY B 408 -2.51 22.41 19.57
N PHE B 409 -2.98 22.77 20.76
CA PHE B 409 -2.16 23.42 21.77
C PHE B 409 -1.30 22.40 22.50
N ILE B 410 -1.91 21.27 22.84
CA ILE B 410 -1.22 20.20 23.56
C ILE B 410 -0.13 19.55 22.72
N SER B 411 -0.44 19.28 21.45
CA SER B 411 0.52 18.67 20.54
C SER B 411 1.68 19.62 20.24
N ALA B 412 1.39 20.92 20.24
CA ALA B 412 2.42 21.93 20.03
C ALA B 412 3.42 21.93 21.18
N ILE B 413 2.91 21.85 22.41
CA ILE B 413 3.76 21.79 23.59
C ILE B 413 4.51 20.46 23.63
N GLY B 414 3.83 19.40 23.23
CA GLY B 414 4.41 18.07 23.25
C GLY B 414 5.56 17.88 22.27
N ALA B 415 5.54 18.64 21.18
CA ALA B 415 6.55 18.51 20.14
C ALA B 415 7.90 19.09 20.57
N ILE B 416 7.90 19.83 21.67
CA ILE B 416 9.12 20.44 22.20
C ILE B 416 10.14 19.36 22.58
N GLY B 417 9.66 18.26 23.14
CA GLY B 417 10.52 17.16 23.53
C GLY B 417 11.28 16.55 22.36
N GLY B 418 10.73 16.70 21.16
CA GLY B 418 11.38 16.21 19.96
C GLY B 418 12.62 17.01 19.63
N PHE B 419 12.70 18.21 20.18
CA PHE B 419 13.84 19.09 19.98
C PHE B 419 14.79 19.00 21.17
N PHE B 420 14.22 18.95 22.37
CA PHE B 420 15.00 18.98 23.59
C PHE B 420 15.93 17.77 23.72
N ILE B 421 15.39 16.57 23.54
CA ILE B 421 16.16 15.35 23.76
C ILE B 421 17.35 15.19 22.80
N PRO B 422 17.16 15.40 21.48
CA PRO B 422 18.36 15.28 20.64
C PRO B 422 19.36 16.41 20.91
N LYS B 423 18.86 17.59 21.26
CA LYS B 423 19.73 18.73 21.55
C LYS B 423 20.50 18.50 22.85
N ALA B 424 19.82 17.96 23.85
CA ALA B 424 20.45 17.65 25.12
C ALA B 424 21.61 16.67 24.93
N PHE B 425 21.40 15.66 24.08
CA PHE B 425 22.44 14.70 23.77
C PHE B 425 23.64 15.36 23.10
N GLY B 426 23.35 16.22 22.12
CA GLY B 426 24.39 16.93 21.40
C GLY B 426 25.23 17.82 22.28
N SER B 427 24.55 18.62 23.11
CA SER B 427 25.22 19.55 24.01
C SER B 427 26.03 18.81 25.08
N SER B 428 25.51 17.67 25.51
CA SER B 428 26.19 16.83 26.48
C SER B 428 27.46 16.25 25.89
N LEU B 429 27.38 15.82 24.64
CA LEU B 429 28.53 15.25 23.94
C LEU B 429 29.52 16.33 23.51
N ALA B 430 29.02 17.52 23.21
CA ALA B 430 29.88 18.60 22.75
C ALA B 430 30.69 19.20 23.89
N LEU B 431 30.13 19.21 25.09
CA LEU B 431 30.79 19.84 26.24
C LEU B 431 31.58 18.86 27.09
N THR B 432 31.11 17.63 27.19
CA THR B 432 31.74 16.66 28.07
C THR B 432 32.28 15.43 27.34
N GLY B 433 31.82 15.22 26.11
CA GLY B 433 32.20 14.04 25.35
C GLY B 433 31.47 12.81 25.86
N SER B 434 30.35 13.04 26.53
CA SER B 434 29.57 11.95 27.12
C SER B 434 28.09 12.33 27.20
N PRO B 435 27.20 11.35 26.96
CA PRO B 435 25.76 11.59 26.99
C PRO B 435 25.18 11.52 28.40
N VAL B 436 26.02 11.28 29.40
CA VAL B 436 25.58 11.13 30.78
C VAL B 436 24.87 12.38 31.30
N GLY B 437 25.40 13.55 30.96
CA GLY B 437 24.84 14.82 31.40
C GLY B 437 23.39 15.00 30.99
N ALA B 438 23.09 14.70 29.73
CA ALA B 438 21.72 14.79 29.23
C ALA B 438 20.84 13.74 29.88
N MET B 439 21.40 12.56 30.10
CA MET B 439 20.66 11.45 30.69
C MET B 439 20.28 11.74 32.14
N LYS B 440 21.10 12.54 32.82
CA LYS B 440 20.78 12.96 34.18
C LYS B 440 19.57 13.90 34.17
N VAL B 441 19.54 14.81 33.20
CA VAL B 441 18.41 15.73 33.05
C VAL B 441 17.13 14.97 32.75
N PHE B 442 17.23 13.99 31.87
CA PHE B 442 16.08 13.17 31.49
C PHE B 442 15.53 12.40 32.69
N LEU B 443 16.43 11.82 33.48
CA LEU B 443 16.07 11.07 34.66
C LEU B 443 15.41 11.97 35.72
N ILE B 444 16.01 13.13 35.95
CA ILE B 444 15.46 14.11 36.88
C ILE B 444 14.07 14.56 36.42
N PHE B 445 13.92 14.72 35.10
CA PHE B 445 12.64 15.10 34.52
C PHE B 445 11.55 14.06 34.77
N TYR B 446 11.93 12.79 34.65
CA TYR B 446 10.97 11.69 34.84
C TYR B 446 10.63 11.48 36.31
N ILE B 447 11.61 11.68 37.18
CA ILE B 447 11.38 11.63 38.62
C ILE B 447 10.38 12.72 39.01
N ALA B 448 10.57 13.91 38.45
CA ALA B 448 9.68 15.03 38.70
C ALA B 448 8.26 14.73 38.24
N CYS B 449 8.15 14.14 37.04
CA CYS B 449 6.85 13.79 36.48
C CYS B 449 6.08 12.84 37.39
N VAL B 450 6.79 11.92 38.04
CA VAL B 450 6.19 11.02 39.01
C VAL B 450 5.64 11.82 40.19
N VAL B 451 6.43 12.76 40.68
CA VAL B 451 6.03 13.59 41.82
C VAL B 451 4.92 14.56 41.43
N ILE B 452 5.05 15.19 40.27
CA ILE B 452 4.04 16.13 39.78
C ILE B 452 2.69 15.43 39.58
N THR B 453 2.72 14.25 38.97
CA THR B 453 1.50 13.49 38.71
C THR B 453 0.80 13.10 40.00
N TRP B 454 1.59 12.67 40.98
CA TRP B 454 1.05 12.25 42.28
C TRP B 454 0.36 13.41 43.00
N ALA B 455 0.93 14.60 42.85
CA ALA B 455 0.37 15.79 43.48
C ALA B 455 -0.95 16.21 42.84
N VAL B 456 -1.02 16.12 41.51
CA VAL B 456 -2.21 16.53 40.77
C VAL B 456 -3.30 15.48 40.80
N TYR B 457 -3.09 14.40 40.05
CA TYR B 457 -4.09 13.36 39.91
C TYR B 457 -4.26 12.52 41.19
N GLY B 458 -3.14 12.14 41.79
CA GLY B 458 -3.16 11.32 42.99
C GLY B 458 -3.71 12.07 44.20
N NO3 C . -8.63 -13.32 -12.27
O1 NO3 C . -9.38 -13.95 -13.27
O2 NO3 C . -8.60 -13.85 -10.97
O3 NO3 C . -7.88 -12.17 -12.57
C7 OLA D . 0.51 3.46 -2.76
C8 OLA D . -0.47 2.52 -2.07
C9 OLA D . -1.43 1.95 -3.10
C10 OLA D . -2.58 1.14 -2.67
C11 OLA D . -2.45 0.20 -1.48
C12 OLA D . -3.54 -0.86 -1.55
C13 OLA D . -4.74 -0.49 -0.67
C14 OLA D . -4.43 -0.70 0.81
C15 OLA D . -3.78 -2.04 1.09
C16 OLA D . -3.89 -2.41 2.56
C17 OLA D . -5.33 -2.72 2.94
C18 OLA D . -5.48 -2.97 4.44
C7 OLA E . -10.09 -1.25 -24.68
C8 OLA E . -8.62 -1.36 -25.08
C9 OLA E . -7.80 -0.44 -24.20
C10 OLA E . -6.48 0.03 -24.67
C11 OLA E . -5.59 -0.91 -25.46
C12 OLA E . -4.47 -0.12 -26.11
C13 OLA E . -3.98 -0.82 -27.36
C14 OLA E . -2.73 -0.17 -27.94
C15 OLA E . -2.75 -0.27 -29.46
C16 OLA E . -1.36 -0.14 -30.07
C17 OLA E . -0.67 1.15 -29.66
C18 OLA E . 0.58 1.38 -30.50
C10 OLA F . 8.86 9.86 -19.11
C11 OLA F . 8.16 9.41 -20.39
C12 OLA F . 7.09 8.41 -20.05
C13 OLA F . 6.14 7.97 -21.09
C14 OLA F . 5.67 8.95 -22.12
C15 OLA F . 4.28 8.57 -22.62
C16 OLA F . 3.63 9.72 -23.36
C17 OLA F . 2.11 9.69 -23.22
C1 OLA G . 15.90 -7.86 -2.87
O1 OLA G . 16.69 -8.27 -3.75
O2 OLA G . 15.87 -8.43 -1.76
C2 OLA G . 14.98 -6.68 -3.15
C3 OLA G . 13.88 -6.63 -2.09
C4 OLA G . 12.69 -5.81 -2.54
C5 OLA G . 11.78 -5.46 -1.37
C6 OLA G . 10.35 -5.20 -1.82
C7 OLA G . 10.04 -3.70 -1.80
C8 OLA G . 8.54 -3.46 -1.71
C9 OLA G . 7.92 -3.60 -3.07
C10 OLA G . 6.45 -3.64 -3.20
C11 OLA G . 5.64 -4.53 -2.30
C12 OLA G . 4.17 -4.45 -2.68
C13 OLA G . 3.36 -5.60 -2.09
C14 OLA G . 2.46 -5.12 -0.96
C15 OLA G . 1.84 -6.31 -0.24
C16 OLA G . 0.64 -5.87 0.62
C17 OLA G . 0.14 -7.03 1.47
C18 OLA G . -1.19 -6.68 2.14
C5 OLA H . 16.60 -32.26 -8.32
C6 OLA H . 15.45 -31.34 -7.91
C7 OLA H . 14.32 -31.37 -8.92
C8 OLA H . 13.40 -30.16 -8.76
C9 OLA H . 12.33 -30.19 -9.82
C10 OLA H . 11.34 -29.10 -9.86
C11 OLA H . 11.00 -28.36 -8.59
C12 OLA H . 9.59 -27.78 -8.68
C13 OLA H . 9.25 -27.01 -7.41
C14 OLA H . 9.18 -25.52 -7.69
C15 OLA H . 9.63 -24.69 -6.49
C16 OLA H . 9.34 -23.21 -6.71
C17 OLA H . 7.88 -22.89 -6.41
C9 OLC I . -3.64 -10.31 -35.53
C8 OLC I . -2.38 -11.03 -35.89
C7 OLC I . -1.21 -10.18 -35.57
C6 OLC I . 0.05 -10.96 -35.76
C5 OLC I . 1.20 -10.16 -35.26
C4 OLC I . 2.33 -11.07 -34.90
C3 OLC I . 3.53 -10.27 -34.54
C18 OLC J . 0.83 9.99 -13.33
C10 OLC J . -5.72 9.68 -7.74
C9 OLC J . -6.97 10.19 -8.39
C17 OLC J . 1.39 9.81 -11.96
C11 OLC J . -4.86 8.71 -8.49
C8 OLC J . -7.33 9.70 -9.74
C24 OLC J . -13.05 18.28 -11.28
C16 OLC J . 0.53 8.89 -11.17
C12 OLC J . -3.43 9.08 -8.36
C7 OLC J . -8.28 10.65 -10.37
C15 OLC J . -0.82 9.49 -11.00
C13 OLC J . -2.89 9.40 -9.72
C6 OLC J . -7.59 11.96 -10.57
C14 OLC J . -1.51 8.86 -9.83
C5 OLC J . -8.55 12.94 -11.17
C4 OLC J . -8.49 12.84 -12.65
C3 OLC J . -8.30 14.20 -13.22
C2 OLC J . -9.57 14.97 -13.09
C21 OLC J . -11.36 17.11 -12.59
C1 OLC J . -9.41 16.32 -13.73
C22 OLC J . -12.19 18.34 -12.49
O19 OLC J . -8.73 16.41 -14.74
O25 OLC J . -14.30 17.79 -11.63
O23 OLC J . -11.36 19.44 -12.41
O20 OLC J . -10.25 17.35 -13.38
C18 OLC K . -9.46 10.20 -5.68
C10 OLC K . -5.13 4.12 -0.70
C9 OLC K . -4.44 3.46 0.44
C17 OLC K . -8.94 8.90 -5.17
C11 OLC K . -6.20 5.11 -0.44
C8 OLC K . -5.05 3.50 1.81
C16 OLC K . -9.70 8.48 -3.97
C12 OLC K . -6.26 6.11 -1.55
C7 OLC K . -6.05 2.42 1.96
C15 OLC K . -9.25 7.13 -3.53
C13 OLC K . -7.54 5.93 -2.30
C6 OLC K . -6.33 2.19 3.41
C14 OLC K . -7.87 7.20 -3.00
C5 OLC K . -7.53 1.32 3.56
C4 OLC K . -7.54 0.71 4.92
C3 OLC K . -8.90 0.17 5.23
C2 OLC K . -8.87 -0.54 6.54
C1 OLC K . -10.25 -0.95 6.93
O19 OLC K . -11.06 -1.23 6.07
O20 OLC K . -10.59 -1.05 8.26
N NO3 L . 1.72 13.96 17.58
O1 NO3 L . 1.39 12.61 17.74
O2 NO3 L . 1.52 14.85 18.65
O3 NO3 L . 2.23 14.43 16.37
C2 OLA M . 17.73 -3.72 -0.87
C3 OLA M . 16.75 -2.55 -1.05
C4 OLA M . 15.31 -3.03 -0.97
C5 OLA M . 14.34 -1.94 -1.41
C6 OLA M . 13.07 -1.98 -0.58
C7 OLA M . 12.46 -0.58 -0.43
C8 OLA M . 11.55 -0.27 -1.61
C9 OLA M . 10.67 0.90 -1.26
C10 OLA M . 9.42 1.13 -2.00
C11 OLA M . 9.37 0.94 -3.49
C12 OLA M . 7.92 1.03 -3.96
C11 OLA N . 1.73 5.66 2.94
C12 OLA N . 2.56 5.07 1.82
C13 OLA N . 4.06 5.21 2.11
C14 OLA N . 4.61 3.96 2.80
C15 OLA N . 5.32 3.05 1.82
C16 OLA N . 6.75 3.53 1.57
C17 OLA N . 7.47 2.65 0.55
C18 OLA N . 7.40 1.18 0.96
C5 OLA O . 4.65 11.04 -9.24
C6 OLA O . 5.91 11.89 -9.15
C7 OLA O . 7.15 11.10 -9.56
C8 OLA O . 8.43 11.72 -8.99
C9 OLA O . 9.61 10.84 -9.32
C10 OLA O . 10.91 11.06 -8.66
C11 OLA O . 11.29 12.44 -8.18
C12 OLA O . 12.78 12.50 -7.88
C13 OLA O . 13.13 13.82 -7.19
C14 OLA O . 14.25 14.56 -7.93
C15 OLA O . 13.70 15.41 -9.06
C4 OLA P . -12.44 2.82 15.65
C5 OLA P . -13.40 3.80 14.98
C6 OLA P . -13.24 3.77 13.46
C7 OLA P . -14.59 3.87 12.75
C8 OLA P . -14.58 3.03 11.48
C9 OLA P . -13.50 3.52 10.53
C10 OLA P . -13.47 3.05 9.14
C11 OLA P . -13.76 1.61 8.82
C12 OLA P . -13.81 1.42 7.31
C13 OLA P . -14.23 0.00 6.93
C1 OLA Q . -3.58 0.64 15.53
O1 OLA Q . -3.99 1.75 15.95
O2 OLA Q . -2.34 0.42 15.51
C2 OLA Q . -4.55 -0.41 15.05
C3 OLA Q . -4.35 -0.67 13.56
C4 OLA Q . -5.67 -0.78 12.80
C5 OLA Q . -5.46 -1.39 11.42
C6 OLA Q . -6.62 -1.07 10.49
C7 OLA Q . -6.22 -1.13 9.02
C8 OLA Q . -5.02 -0.24 8.70
C9 OLA Q . -4.67 -0.40 7.24
C10 OLA Q . -3.66 0.47 6.62
C11 OLA Q . -3.45 1.87 7.13
C12 OLA Q . -3.07 2.80 5.98
C13 OLA Q . -1.75 2.40 5.33
C14 OLA Q . -1.79 2.61 3.83
C15 OLA Q . -0.42 2.42 3.21
C18 OLC R . 2.03 0.48 -7.84
C10 OLC R . 9.25 4.70 -5.79
C9 OLC R . 10.21 5.33 -6.74
C17 OLC R . 2.00 1.95 -7.60
C11 OLC R . 8.10 3.90 -6.31
C8 OLC R . 9.90 5.34 -8.20
C24 OLC R . 18.45 5.09 -14.59
C16 OLC R . 3.08 2.30 -6.63
C12 OLC R . 6.82 4.48 -5.82
C7 OLC R . 11.04 5.94 -8.96
C15 OLC R . 3.24 3.79 -6.61
C13 OLC R . 5.67 3.68 -6.35
C6 OLC R . 10.52 6.69 -10.13
C14 OLC R . 4.40 4.16 -5.74
C5 OLC R . 11.25 6.30 -11.37
C4 OLC R . 12.61 6.92 -11.38
C3 OLC R . 13.43 6.30 -12.47
C2 OLC R . 14.82 6.82 -12.39
C21 OLC R . 16.75 3.79 -13.39
C1 OLC R . 15.78 5.68 -12.30
C22 OLC R . 18.20 3.86 -13.77
O19 OLC R . 16.03 5.18 -11.21
O25 OLC R . 17.90 4.94 -15.84
O23 OLC R . 18.97 3.90 -12.63
O20 OLC R . 16.17 5.04 -13.45
C18 OLC S . -0.26 -0.94 12.22
C10 OLC S . 4.00 -0.15 4.45
C9 OLC S . 5.28 -0.84 4.13
C17 OLC S . -0.15 -1.20 10.75
C11 OLC S . 4.00 0.95 5.45
C8 OLC S . 6.45 -0.67 5.03
C16 OLC S . 0.82 -0.25 10.13
C12 OLC S . 2.59 1.27 5.85
C7 OLC S . 7.69 -0.56 4.21
C15 OLC S . 0.94 -0.54 8.68
C13 OLC S . 2.01 0.12 6.58
C6 OLC S . 8.34 -1.90 4.09
C14 OLC S . 1.86 0.44 8.03
C5 OLC S . 9.26 -1.89 2.92
C4 OLC S . 10.54 -2.57 3.26
C3 OLC S . 10.28 -3.98 3.68
C2 OLC S . 11.57 -4.72 3.71
#